data_2F5X
#
_entry.id   2F5X
#
_cell.length_a   47.670
_cell.length_b   76.420
_cell.length_c   260.860
_cell.angle_alpha   90.00
_cell.angle_beta   90.00
_cell.angle_gamma   90.00
#
_symmetry.space_group_name_H-M   'P 21 21 21'
#
loop_
_entity.id
_entity.type
_entity.pdbx_description
1 polymer BugD
2 non-polymer 'ASPARTIC ACID'
3 water water
#
_entity_poly.entity_id   1
_entity_poly.type   'polypeptide(L)'
_entity_poly.pdbx_seq_one_letter_code
;MRGSHHHHHHGSEYPERPVN(MSE)VVPFAAGGPTDNVARSLAES(MSE)RPTLGETVVVENKGGAGGTIGTTQVARAQP
DGYSILL(MSE)HAGFSTAPSLYKNPGYEPYTSFEPIGLVVDVP(MSE)TIIARGDFPPNNIKELAEYVKKNADKISLAN
AGIGAASHLCGT(MSE)LVEALGVNLLTIPYKGTAPA(MSE)NDLLGKQVDL(MSE)CDQTTNTTQQITSGKVKAYAVTS
LKRVPTLPDLPT(MSE)DESGYKGFEVGIWHG(MSE)WAPKGTPKPVVDKLVKSLQAGLADPKFQER(MSE)KQLGAEVL
TNEANPEALQAKVKQQVPQWAELFKKAGVEKQ
;
_entity_poly.pdbx_strand_id   A,B,C
#
# COMPACT_ATOMS: atom_id res chain seq x y z
N TYR A 14 2.65 -5.85 34.69
CA TYR A 14 2.33 -7.28 34.43
C TYR A 14 2.41 -7.66 32.94
N PRO A 15 3.01 -8.79 32.58
CA PRO A 15 3.76 -9.65 33.50
C PRO A 15 5.24 -9.28 33.57
N GLU A 16 5.82 -9.37 34.76
CA GLU A 16 7.22 -9.00 34.94
C GLU A 16 8.11 -10.22 35.16
N ARG A 17 7.48 -11.39 35.14
CA ARG A 17 8.16 -12.68 35.23
C ARG A 17 7.28 -13.74 34.55
N PRO A 18 7.80 -14.92 34.28
CA PRO A 18 7.02 -15.97 33.61
C PRO A 18 5.69 -16.31 34.31
N VAL A 19 4.70 -16.65 33.49
CA VAL A 19 3.37 -17.03 33.95
C VAL A 19 3.26 -18.54 33.93
N ASN A 20 2.84 -19.11 35.06
CA ASN A 20 2.63 -20.55 35.16
C ASN A 20 1.25 -20.93 34.70
N VAL A 22 -1.19 -24.04 34.62
CA VAL A 22 -1.43 -25.36 35.17
C VAL A 22 -2.34 -26.18 34.26
N VAL A 23 -1.87 -27.37 33.91
CA VAL A 23 -2.64 -28.37 33.17
C VAL A 23 -2.91 -29.50 34.16
N PRO A 24 -4.16 -29.73 34.57
CA PRO A 24 -4.46 -30.76 35.60
C PRO A 24 -4.33 -32.22 35.18
N PHE A 25 -3.37 -32.53 34.30
CA PHE A 25 -3.16 -33.88 33.81
C PHE A 25 -1.70 -34.12 33.48
N ALA A 26 -1.34 -35.39 33.38
CA ALA A 26 0.02 -35.80 33.09
C ALA A 26 0.54 -35.18 31.80
N ALA A 27 1.82 -34.83 31.81
CA ALA A 27 2.50 -34.31 30.62
C ALA A 27 2.40 -35.30 29.46
N GLY A 28 2.36 -34.77 28.24
CA GLY A 28 2.39 -35.59 27.04
C GLY A 28 1.02 -36.02 26.51
N GLY A 29 -0.04 -35.64 27.22
CA GLY A 29 -1.39 -36.00 26.82
C GLY A 29 -2.10 -34.87 26.08
N PRO A 30 -3.40 -35.01 25.89
CA PRO A 30 -4.15 -34.09 25.01
C PRO A 30 -4.14 -32.64 25.48
N THR A 31 -4.45 -32.41 26.74
CA THR A 31 -4.51 -31.03 27.25
C THR A 31 -3.11 -30.42 27.31
N ASP A 32 -2.12 -31.23 27.67
CA ASP A 32 -0.72 -30.78 27.65
C ASP A 32 -0.28 -30.35 26.24
N ASN A 33 -0.71 -31.10 25.23
CA ASN A 33 -0.40 -30.77 23.84
C ASN A 33 -0.97 -29.41 23.45
N VAL A 34 -2.21 -29.16 23.84
CA VAL A 34 -2.83 -27.85 23.58
C VAL A 34 -2.07 -26.76 24.32
N ALA A 35 -1.79 -27.02 25.60
CA ALA A 35 -1.17 -26.04 26.48
C ALA A 35 0.21 -25.62 25.99
N ARG A 36 1.02 -26.58 25.56
CA ARG A 36 2.38 -26.23 25.17
C ARG A 36 2.43 -25.46 23.86
N SER A 37 1.51 -25.76 22.95
CA SER A 37 1.41 -25.01 21.71
C SER A 37 0.90 -23.59 21.97
N LEU A 38 -0.11 -23.48 22.84
CA LEU A 38 -0.67 -22.18 23.20
C LEU A 38 0.32 -21.31 23.98
N ALA A 39 1.07 -21.95 24.87
CA ALA A 39 2.11 -21.24 25.63
C ALA A 39 3.07 -20.53 24.68
N GLU A 40 3.44 -21.21 23.59
CA GLU A 40 4.33 -20.64 22.60
C GLU A 40 3.69 -19.49 21.83
N SER A 41 2.44 -19.66 21.43
CA SER A 41 1.77 -18.67 20.60
C SER A 41 1.39 -17.40 21.35
N ARG A 43 3.24 -15.98 23.68
CA ARG A 43 4.46 -15.28 24.12
C ARG A 43 4.70 -13.86 23.53
N PRO A 44 4.58 -13.68 22.21
CA PRO A 44 4.84 -12.36 21.62
C PRO A 44 3.96 -11.25 22.21
N THR A 45 2.69 -11.55 22.46
CA THR A 45 1.78 -10.54 23.01
C THR A 45 1.83 -10.44 24.54
N LEU A 46 1.98 -11.58 25.23
CA LEU A 46 2.11 -11.57 26.68
C LEU A 46 3.34 -10.79 27.12
N GLY A 47 4.44 -10.95 26.37
CA GLY A 47 5.68 -10.26 26.68
C GLY A 47 6.46 -10.99 27.75
N GLU A 48 6.07 -12.24 28.01
CA GLU A 48 6.78 -13.14 28.91
C GLU A 48 6.53 -14.57 28.47
N THR A 49 7.40 -15.48 28.92
CA THR A 49 7.24 -16.90 28.64
C THR A 49 6.10 -17.47 29.51
N VAL A 50 5.41 -18.47 28.98
CA VAL A 50 4.39 -19.21 29.72
C VAL A 50 4.99 -20.57 30.03
N VAL A 51 5.00 -20.95 31.31
CA VAL A 51 5.58 -22.22 31.77
C VAL A 51 4.45 -23.18 32.11
N VAL A 52 4.40 -24.30 31.39
CA VAL A 52 3.36 -25.31 31.64
C VAL A 52 3.73 -26.17 32.86
N GLU A 53 2.78 -26.32 33.77
CA GLU A 53 2.96 -27.19 34.93
C GLU A 53 1.89 -28.26 34.90
N ASN A 54 2.30 -29.51 35.06
CA ASN A 54 1.35 -30.62 35.01
C ASN A 54 1.01 -31.08 36.40
N LYS A 55 -0.27 -31.05 36.75
CA LYS A 55 -0.69 -31.41 38.10
C LYS A 55 -1.87 -32.36 38.04
N GLY A 56 -1.56 -33.64 37.83
CA GLY A 56 -2.59 -34.66 37.66
C GLY A 56 -3.15 -35.17 38.98
N GLY A 57 -4.32 -35.78 38.88
CA GLY A 57 -4.98 -36.40 40.02
C GLY A 57 -6.47 -36.10 40.04
N ALA A 58 -7.26 -37.09 40.47
CA ALA A 58 -8.71 -36.96 40.66
C ALA A 58 -9.42 -36.29 39.47
N GLY A 59 -9.09 -36.75 38.26
CA GLY A 59 -9.79 -36.34 37.05
C GLY A 59 -9.62 -34.88 36.67
N GLY A 60 -8.56 -34.25 37.17
CA GLY A 60 -8.31 -32.83 36.90
C GLY A 60 -8.72 -31.92 38.05
N THR A 61 -9.40 -32.45 39.07
CA THR A 61 -9.89 -31.56 40.13
C THR A 61 -8.77 -31.03 41.01
N ILE A 62 -7.70 -31.81 41.16
CA ILE A 62 -6.56 -31.38 41.98
C ILE A 62 -5.88 -30.15 41.36
N GLY A 63 -5.63 -30.22 40.05
CA GLY A 63 -5.02 -29.10 39.34
C GLY A 63 -5.92 -27.87 39.33
N THR A 64 -7.21 -28.10 39.10
CA THR A 64 -8.18 -27.01 39.07
C THR A 64 -8.23 -26.31 40.43
N THR A 65 -8.25 -27.13 41.48
CA THR A 65 -8.28 -26.64 42.84
C THR A 65 -7.02 -25.84 43.16
N GLN A 66 -5.87 -26.33 42.68
CA GLN A 66 -4.61 -25.63 42.89
C GLN A 66 -4.67 -24.18 42.40
N VAL A 67 -5.17 -23.97 41.19
CA VAL A 67 -5.30 -22.61 40.67
C VAL A 67 -6.38 -21.85 41.44
N ALA A 68 -7.48 -22.51 41.82
CA ALA A 68 -8.51 -21.83 42.61
C ALA A 68 -7.92 -21.22 43.88
N ARG A 69 -6.95 -21.91 44.47
CA ARG A 69 -6.33 -21.52 45.73
C ARG A 69 -5.02 -20.71 45.57
N ALA A 70 -4.62 -20.46 44.33
CA ALA A 70 -3.36 -19.76 44.06
C ALA A 70 -3.49 -18.26 44.23
N GLN A 71 -2.37 -17.57 44.40
CA GLN A 71 -2.39 -16.12 44.52
C GLN A 71 -3.02 -15.51 43.26
N PRO A 72 -3.98 -14.60 43.44
CA PRO A 72 -4.64 -13.93 42.32
C PRO A 72 -3.81 -12.79 41.72
N ASP A 73 -2.60 -13.10 41.28
CA ASP A 73 -1.71 -12.07 40.74
C ASP A 73 -1.47 -12.17 39.23
N GLY A 74 -2.06 -13.18 38.59
CA GLY A 74 -1.89 -13.40 37.17
C GLY A 74 -0.71 -14.29 36.80
N TYR A 75 0.04 -14.72 37.80
CA TYR A 75 1.19 -15.60 37.54
C TYR A 75 0.87 -17.08 37.68
N SER A 76 -0.37 -17.39 38.07
CA SER A 76 -0.89 -18.75 38.02
C SER A 76 -2.21 -18.75 37.29
N ILE A 77 -2.24 -19.46 36.16
CA ILE A 77 -3.47 -19.59 35.39
C ILE A 77 -3.77 -21.04 35.10
N LEU A 78 -5.03 -21.32 34.76
CA LEU A 78 -5.49 -22.68 34.57
C LEU A 78 -5.86 -22.91 33.12
N LEU A 79 -5.36 -24.00 32.52
CA LEU A 79 -5.90 -24.47 31.26
C LEU A 79 -6.60 -25.78 31.55
N HIS A 81 -10.33 -28.36 30.62
CA HIS A 81 -11.37 -28.68 29.66
C HIS A 81 -12.73 -28.87 30.30
N ALA A 82 -13.69 -29.38 29.53
CA ALA A 82 -15.08 -29.57 29.95
C ALA A 82 -15.24 -30.34 31.27
N GLY A 83 -14.22 -31.09 31.66
CA GLY A 83 -14.21 -31.75 32.96
C GLY A 83 -14.40 -30.76 34.11
N PHE A 84 -13.99 -29.51 33.87
CA PHE A 84 -14.26 -28.42 34.80
C PHE A 84 -15.74 -28.37 35.14
N SER A 85 -16.59 -28.66 34.14
CA SER A 85 -18.04 -28.60 34.28
C SER A 85 -18.69 -29.92 34.72
N THR A 86 -18.00 -31.04 34.57
CA THR A 86 -18.57 -32.32 35.03
C THR A 86 -18.28 -32.57 36.50
N ALA A 87 -17.08 -32.21 36.94
CA ALA A 87 -16.65 -32.52 38.32
C ALA A 87 -17.63 -32.05 39.42
N PRO A 88 -18.25 -30.87 39.29
CA PRO A 88 -19.21 -30.44 40.31
C PRO A 88 -20.43 -31.35 40.47
N SER A 89 -20.71 -32.21 39.49
CA SER A 89 -21.79 -33.18 39.60
C SER A 89 -21.29 -34.56 40.01
N LEU A 90 -19.97 -34.69 40.18
CA LEU A 90 -19.36 -36.00 40.40
C LEU A 90 -18.71 -36.11 41.77
N TYR A 91 -18.41 -34.96 42.36
CA TYR A 91 -17.80 -34.89 43.68
C TYR A 91 -18.65 -34.03 44.58
N LYS A 92 -18.85 -34.51 45.81
CA LYS A 92 -19.52 -33.71 46.84
C LYS A 92 -18.78 -32.41 47.06
N ASN A 93 -17.44 -32.48 47.07
CA ASN A 93 -16.61 -31.28 47.04
C ASN A 93 -15.43 -31.43 46.10
N PRO A 94 -15.59 -30.89 44.90
CA PRO A 94 -14.53 -30.96 43.88
C PRO A 94 -13.33 -30.06 44.19
N GLY A 95 -13.45 -29.18 45.19
CA GLY A 95 -12.34 -28.32 45.59
C GLY A 95 -12.48 -26.89 45.11
N TYR A 96 -13.48 -26.64 44.26
CA TYR A 96 -13.70 -25.31 43.70
C TYR A 96 -15.18 -25.13 43.41
N GLU A 97 -15.55 -23.87 43.17
CA GLU A 97 -16.91 -23.47 42.84
C GLU A 97 -16.84 -23.05 41.37
N PRO A 98 -17.53 -23.76 40.47
CA PRO A 98 -17.31 -23.55 39.03
C PRO A 98 -17.68 -22.14 38.54
N TYR A 99 -18.63 -21.50 39.22
CA TYR A 99 -19.08 -20.17 38.79
C TYR A 99 -18.36 -19.03 39.46
N THR A 100 -17.69 -19.28 40.59
CA THR A 100 -17.10 -18.17 41.36
C THR A 100 -15.64 -18.30 41.74
N SER A 101 -15.05 -19.48 41.67
CA SER A 101 -13.67 -19.65 42.12
C SER A 101 -12.63 -18.92 41.26
N PHE A 102 -13.05 -18.52 40.06
CA PHE A 102 -12.12 -17.98 39.06
C PHE A 102 -12.64 -16.72 38.39
N GLU A 103 -11.70 -15.96 37.84
CA GLU A 103 -12.02 -14.97 36.80
C GLU A 103 -11.79 -15.68 35.45
N PRO A 104 -12.85 -15.92 34.69
CA PRO A 104 -12.68 -16.57 33.38
C PRO A 104 -11.93 -15.66 32.41
N ILE A 105 -11.04 -16.24 31.60
CA ILE A 105 -10.32 -15.49 30.57
C ILE A 105 -10.98 -15.70 29.21
N GLY A 106 -11.14 -16.96 28.80
CA GLY A 106 -11.81 -17.25 27.55
C GLY A 106 -11.79 -18.69 27.14
N LEU A 107 -12.57 -19.02 26.12
CA LEU A 107 -12.51 -20.34 25.49
C LEU A 107 -11.26 -20.45 24.62
N VAL A 108 -10.88 -21.69 24.30
CA VAL A 108 -9.60 -21.97 23.67
C VAL A 108 -9.79 -22.85 22.43
N VAL A 109 -10.14 -24.12 22.65
CA VAL A 109 -10.36 -25.07 21.56
C VAL A 109 -11.54 -25.98 21.90
N ASP A 110 -12.06 -26.66 20.89
CA ASP A 110 -13.07 -27.70 21.08
C ASP A 110 -12.55 -28.97 20.38
N VAL A 111 -12.36 -30.04 21.15
CA VAL A 111 -11.67 -31.25 20.67
C VAL A 111 -12.62 -32.45 20.65
N PRO A 112 -12.71 -33.14 19.52
CA PRO A 112 -13.56 -34.33 19.45
C PRO A 112 -12.85 -35.54 20.03
N THR A 114 -12.26 -39.99 20.08
CA THR A 114 -12.26 -41.24 19.34
C THR A 114 -12.35 -42.42 20.30
N ILE A 115 -13.20 -43.39 19.96
CA ILE A 115 -13.26 -44.67 20.67
C ILE A 115 -12.19 -45.56 20.06
N ILE A 116 -11.21 -45.95 20.88
CA ILE A 116 -10.09 -46.76 20.40
C ILE A 116 -9.86 -47.98 21.30
N ALA A 117 -9.08 -48.93 20.79
CA ALA A 117 -8.71 -50.09 21.59
C ALA A 117 -7.27 -50.50 21.28
N ARG A 118 -6.73 -51.39 22.11
CA ARG A 118 -5.40 -51.93 21.88
C ARG A 118 -5.32 -52.51 20.46
N GLY A 119 -4.13 -52.47 19.88
CA GLY A 119 -3.92 -52.78 18.48
C GLY A 119 -4.37 -54.17 18.04
N ASP A 120 -4.48 -55.10 18.98
CA ASP A 120 -4.91 -56.47 18.68
C ASP A 120 -6.28 -56.83 19.23
N PHE A 121 -7.06 -55.82 19.62
CA PHE A 121 -8.43 -56.06 20.09
C PHE A 121 -9.24 -56.70 18.95
N PRO A 122 -9.92 -57.82 19.20
CA PRO A 122 -10.59 -58.54 18.10
C PRO A 122 -11.53 -57.77 17.16
N PRO A 123 -12.50 -56.96 17.63
CA PRO A 123 -13.42 -56.30 16.69
C PRO A 123 -12.74 -55.30 15.75
N ASN A 124 -13.24 -55.25 14.52
CA ASN A 124 -12.67 -54.37 13.50
C ASN A 124 -13.53 -53.17 13.15
N ASN A 125 -14.74 -53.10 13.70
CA ASN A 125 -15.63 -51.97 13.44
C ASN A 125 -16.56 -51.72 14.63
N ILE A 126 -17.26 -50.58 14.61
CA ILE A 126 -18.08 -50.19 15.76
C ILE A 126 -19.23 -51.16 16.05
N LYS A 127 -19.86 -51.71 15.01
CA LYS A 127 -20.91 -52.71 15.20
C LYS A 127 -20.35 -53.93 15.92
N GLU A 128 -19.22 -54.43 15.45
CA GLU A 128 -18.56 -55.58 16.06
C GLU A 128 -18.04 -55.26 17.44
N LEU A 129 -17.60 -54.02 17.65
CA LEU A 129 -17.16 -53.61 18.98
C LEU A 129 -18.27 -53.73 20.01
N ALA A 130 -19.45 -53.21 19.67
CA ALA A 130 -20.59 -53.25 20.59
C ALA A 130 -20.95 -54.70 20.94
N GLU A 131 -20.95 -55.55 19.93
CA GLU A 131 -21.29 -56.97 20.09
C GLU A 131 -20.26 -57.67 20.97
N TYR A 132 -18.98 -57.39 20.69
CA TYR A 132 -17.88 -57.97 21.44
C TYR A 132 -17.87 -57.54 22.91
N VAL A 133 -18.11 -56.25 23.15
CA VAL A 133 -18.11 -55.73 24.52
C VAL A 133 -19.29 -56.30 25.32
N LYS A 134 -20.47 -56.38 24.70
CA LYS A 134 -21.63 -57.00 25.34
C LYS A 134 -21.41 -58.47 25.70
N LYS A 135 -20.79 -59.21 24.80
CA LYS A 135 -20.59 -60.65 24.98
C LYS A 135 -19.47 -60.98 25.96
N ASN A 136 -18.42 -60.15 25.95
CA ASN A 136 -17.19 -60.45 26.68
C ASN A 136 -16.87 -59.43 27.76
N ALA A 137 -17.89 -58.71 28.22
CA ALA A 137 -17.70 -57.57 29.12
C ALA A 137 -16.70 -57.85 30.26
N ASP A 138 -16.87 -58.99 30.94
CA ASP A 138 -16.05 -59.31 32.12
C ASP A 138 -14.56 -59.49 31.82
N LYS A 139 -14.22 -59.66 30.54
CA LYS A 139 -12.82 -59.83 30.15
C LYS A 139 -12.20 -58.51 29.71
N ILE A 140 -12.98 -57.43 29.76
CA ILE A 140 -12.57 -56.16 29.15
C ILE A 140 -12.35 -55.02 30.14
N SER A 141 -11.23 -54.31 29.98
CA SER A 141 -10.93 -53.15 30.82
C SER A 141 -11.04 -51.86 30.03
N LEU A 142 -11.63 -50.85 30.69
CA LEU A 142 -11.77 -49.53 30.12
C LEU A 142 -10.86 -48.59 30.89
N ALA A 143 -10.09 -47.77 30.16
CA ALA A 143 -9.22 -46.78 30.79
C ALA A 143 -9.86 -45.40 30.77
N ASN A 144 -9.66 -44.62 31.83
CA ASN A 144 -9.93 -43.18 31.79
C ASN A 144 -8.91 -42.41 32.63
N ALA A 145 -9.06 -41.09 32.67
CA ALA A 145 -8.11 -40.24 33.40
C ALA A 145 -8.70 -39.75 34.73
N GLY A 146 -9.55 -40.58 35.31
CA GLY A 146 -10.16 -40.34 36.62
C GLY A 146 -11.53 -39.71 36.53
N ILE A 147 -12.34 -39.84 37.58
CA ILE A 147 -13.68 -39.25 37.63
C ILE A 147 -13.56 -37.73 37.44
N GLY A 148 -14.26 -37.19 36.45
CA GLY A 148 -14.11 -35.78 36.09
C GLY A 148 -13.37 -35.55 34.79
N ALA A 149 -12.71 -36.57 34.24
CA ALA A 149 -11.94 -36.42 33.01
C ALA A 149 -12.84 -36.47 31.78
N ALA A 150 -12.30 -36.05 30.63
CA ALA A 150 -13.01 -36.16 29.35
C ALA A 150 -13.24 -37.63 29.02
N SER A 151 -12.20 -38.43 29.22
CA SER A 151 -12.26 -39.85 28.97
C SER A 151 -13.23 -40.54 29.94
N HIS A 152 -13.42 -39.95 31.12
CA HIS A 152 -14.40 -40.45 32.07
C HIS A 152 -15.84 -40.19 31.59
N LEU A 153 -16.09 -38.95 31.16
CA LEU A 153 -17.41 -38.58 30.63
C LEU A 153 -17.77 -39.47 29.44
N CYS A 154 -16.89 -39.56 28.45
CA CYS A 154 -17.17 -40.36 27.28
C CYS A 154 -17.29 -41.84 27.63
N GLY A 155 -16.42 -42.31 28.52
CA GLY A 155 -16.47 -43.70 28.97
C GLY A 155 -17.80 -44.03 29.64
N THR A 156 -18.30 -43.09 30.44
CA THR A 156 -19.59 -43.27 31.11
C THR A 156 -20.69 -43.38 30.07
N LEU A 158 -20.36 -44.28 26.99
CA LEU A 158 -20.16 -45.48 26.22
C LEU A 158 -20.74 -46.72 26.92
N VAL A 159 -20.40 -46.92 28.20
CA VAL A 159 -20.91 -48.10 28.90
C VAL A 159 -22.42 -48.03 29.10
N GLU A 160 -22.94 -46.82 29.28
CA GLU A 160 -24.38 -46.65 29.36
C GLU A 160 -25.09 -47.02 28.06
N ALA A 161 -24.53 -46.56 26.94
CA ALA A 161 -25.08 -46.86 25.62
C ALA A 161 -25.03 -48.34 25.29
N LEU A 162 -23.98 -49.02 25.75
CA LEU A 162 -23.84 -50.47 25.53
C LEU A 162 -24.55 -51.33 26.57
N GLY A 163 -24.99 -50.71 27.66
CA GLY A 163 -25.68 -51.42 28.72
C GLY A 163 -24.77 -52.37 29.49
N VAL A 164 -23.51 -51.98 29.65
CA VAL A 164 -22.53 -52.80 30.36
C VAL A 164 -21.91 -52.08 31.56
N ASN A 165 -21.37 -52.88 32.48
CA ASN A 165 -20.50 -52.38 33.55
C ASN A 165 -19.13 -53.02 33.34
N LEU A 166 -18.09 -52.20 33.23
CA LEU A 166 -16.73 -52.67 32.93
C LEU A 166 -15.74 -52.31 34.02
N LEU A 167 -14.79 -53.20 34.28
CA LEU A 167 -13.58 -52.85 35.00
C LEU A 167 -13.04 -51.55 34.42
N THR A 168 -12.84 -50.56 35.29
CA THR A 168 -12.44 -49.22 34.83
C THR A 168 -11.20 -48.80 35.57
N ILE A 169 -10.16 -48.46 34.81
CA ILE A 169 -8.87 -48.15 35.40
C ILE A 169 -8.56 -46.67 35.20
N PRO A 170 -8.47 -45.91 36.31
CA PRO A 170 -8.16 -44.48 36.23
C PRO A 170 -6.65 -44.17 36.26
N TYR A 171 -6.25 -43.21 35.42
CA TYR A 171 -4.88 -42.73 35.30
C TYR A 171 -4.84 -41.23 35.56
N LYS A 172 -3.64 -40.67 35.74
CA LYS A 172 -3.49 -39.22 35.97
C LYS A 172 -3.62 -38.41 34.68
N GLY A 173 -3.91 -39.08 33.58
CA GLY A 173 -4.05 -38.44 32.28
C GLY A 173 -4.16 -39.52 31.23
N THR A 174 -4.55 -39.16 30.02
CA THR A 174 -4.56 -40.20 28.97
C THR A 174 -3.21 -40.44 28.30
N ALA A 175 -2.20 -39.66 28.64
CA ALA A 175 -0.83 -40.04 28.23
C ALA A 175 -0.39 -41.37 28.91
N PRO A 176 -0.40 -41.47 30.23
CA PRO A 176 -0.10 -42.77 30.88
C PRO A 176 -1.11 -43.86 30.49
N ALA A 177 -2.38 -43.49 30.30
CA ALA A 177 -3.37 -44.49 29.87
C ALA A 177 -3.00 -45.03 28.50
N ASN A 179 -0.06 -45.17 27.14
CA ASN A 179 1.10 -46.06 27.34
C ASN A 179 0.62 -47.49 27.61
N ASP A 180 -0.32 -47.63 28.54
CA ASP A 180 -0.83 -48.95 28.90
C ASP A 180 -1.64 -49.57 27.76
N LEU A 181 -2.38 -48.75 27.02
CA LEU A 181 -3.16 -49.27 25.89
C LEU A 181 -2.22 -49.80 24.81
N LEU A 182 -1.19 -49.02 24.49
CA LEU A 182 -0.17 -49.46 23.54
C LEU A 182 0.56 -50.70 24.03
N GLY A 183 0.70 -50.82 25.34
CA GLY A 183 1.36 -51.96 25.97
C GLY A 183 0.46 -53.15 26.15
N LYS A 184 -0.79 -53.02 25.70
CA LYS A 184 -1.82 -54.07 25.82
C LYS A 184 -2.17 -54.42 27.27
N GLN A 185 -1.98 -53.46 28.17
CA GLN A 185 -2.28 -53.63 29.60
C GLN A 185 -3.71 -53.23 29.97
N VAL A 186 -4.36 -52.49 29.07
CA VAL A 186 -5.76 -52.09 29.21
C VAL A 186 -6.37 -52.18 27.80
N ASP A 187 -7.68 -52.35 27.69
CA ASP A 187 -8.27 -52.76 26.40
C ASP A 187 -8.86 -51.65 25.57
N LEU A 188 -9.63 -50.77 26.20
CA LEU A 188 -10.55 -49.88 25.50
C LEU A 188 -10.48 -48.49 26.12
N CYS A 190 -11.90 -44.09 25.44
CA CYS A 190 -12.32 -42.93 24.66
C CYS A 190 -11.39 -41.79 24.99
N ASP A 191 -10.81 -41.17 23.98
CA ASP A 191 -9.76 -40.16 24.23
C ASP A 191 -9.80 -39.10 23.12
N GLN A 192 -9.22 -37.94 23.39
CA GLN A 192 -9.28 -36.80 22.45
C GLN A 192 -8.33 -36.96 21.29
N THR A 193 -8.72 -36.44 20.12
CA THR A 193 -7.87 -36.51 18.92
C THR A 193 -6.50 -35.83 19.07
N THR A 194 -6.39 -34.88 19.99
CA THR A 194 -5.09 -34.26 20.28
C THR A 194 -4.13 -35.25 20.94
N ASN A 195 -4.65 -36.39 21.39
CA ASN A 195 -3.81 -37.47 21.90
C ASN A 195 -3.80 -38.74 21.03
N THR A 196 -4.88 -38.97 20.28
CA THR A 196 -5.04 -40.25 19.60
C THR A 196 -4.68 -40.23 18.12
N THR A 197 -4.67 -39.05 17.49
CA THR A 197 -4.46 -38.96 16.04
C THR A 197 -3.22 -39.72 15.59
N GLN A 198 -2.12 -39.41 16.26
CA GLN A 198 -0.80 -39.99 16.09
C GLN A 198 -0.86 -41.53 16.06
N GLN A 199 -1.54 -42.11 17.03
CA GLN A 199 -1.63 -43.55 17.15
C GLN A 199 -2.62 -44.18 16.18
N ILE A 200 -3.69 -43.43 15.87
CA ILE A 200 -4.68 -43.94 14.92
C ILE A 200 -4.10 -43.99 13.50
N THR A 201 -3.52 -42.88 13.03
CA THR A 201 -3.12 -42.80 11.63
C THR A 201 -1.96 -43.74 11.30
N SER A 202 -1.19 -44.11 12.30
CA SER A 202 -0.07 -45.05 12.12
C SER A 202 -0.52 -46.51 12.22
N GLY A 203 -1.79 -46.72 12.59
CA GLY A 203 -2.34 -48.06 12.76
C GLY A 203 -1.93 -48.77 14.04
N LYS A 204 -1.41 -48.01 15.00
CA LYS A 204 -0.92 -48.59 16.25
C LYS A 204 -2.03 -48.98 17.21
N VAL A 205 -3.18 -48.30 17.11
CA VAL A 205 -4.35 -48.68 17.89
C VAL A 205 -5.52 -48.96 16.95
N LYS A 206 -6.51 -49.73 17.42
CA LYS A 206 -7.75 -49.93 16.69
C LYS A 206 -8.62 -48.70 16.90
N ALA A 207 -9.28 -48.24 15.83
CA ALA A 207 -10.09 -47.03 15.94
C ALA A 207 -11.47 -47.29 15.37
N TYR A 208 -12.52 -46.93 16.12
CA TYR A 208 -13.88 -47.36 15.80
C TYR A 208 -14.88 -46.27 15.43
N ALA A 209 -14.77 -45.12 16.09
CA ALA A 209 -15.79 -44.08 15.95
C ALA A 209 -15.32 -42.78 16.55
N VAL A 210 -15.97 -41.69 16.13
CA VAL A 210 -15.73 -40.36 16.72
C VAL A 210 -16.99 -39.86 17.42
N THR A 211 -16.84 -38.87 18.30
CA THR A 211 -17.97 -38.38 19.10
C THR A 211 -18.50 -37.03 18.62
N SER A 212 -18.02 -36.58 17.47
CA SER A 212 -18.51 -35.35 16.86
C SER A 212 -19.82 -35.58 16.11
N LEU A 213 -20.52 -34.49 15.78
CA LEU A 213 -21.79 -34.54 15.05
C LEU A 213 -21.56 -34.90 13.58
N LYS A 214 -20.43 -34.44 13.05
CA LYS A 214 -20.02 -34.80 11.70
C LYS A 214 -18.66 -35.47 11.83
N ARG A 215 -18.25 -36.18 10.79
CA ARG A 215 -16.96 -36.87 10.84
C ARG A 215 -15.81 -35.89 11.00
N VAL A 216 -14.75 -36.38 11.65
CA VAL A 216 -13.51 -35.64 11.84
C VAL A 216 -12.73 -35.71 10.53
N PRO A 217 -12.56 -34.58 9.85
CA PRO A 217 -11.94 -34.56 8.51
C PRO A 217 -10.55 -35.18 8.43
N THR A 218 -9.77 -35.07 9.52
CA THR A 218 -8.45 -35.70 9.57
C THR A 218 -8.51 -37.19 9.84
N LEU A 219 -9.68 -37.68 10.23
CA LEU A 219 -9.90 -39.12 10.43
C LEU A 219 -11.17 -39.55 9.70
N PRO A 220 -11.18 -39.38 8.38
CA PRO A 220 -12.42 -39.45 7.59
C PRO A 220 -13.08 -40.82 7.52
N ASP A 221 -12.36 -41.89 7.86
CA ASP A 221 -12.92 -43.24 7.80
C ASP A 221 -13.61 -43.69 9.09
N LEU A 222 -13.61 -42.84 10.12
CA LEU A 222 -14.26 -43.19 11.36
C LEU A 222 -15.68 -42.63 11.40
N PRO A 223 -16.68 -43.50 11.58
CA PRO A 223 -18.06 -43.04 11.66
C PRO A 223 -18.28 -42.30 12.97
N THR A 224 -19.24 -41.37 12.97
CA THR A 224 -19.69 -40.82 14.23
C THR A 224 -20.50 -41.85 14.99
N ASP A 226 -23.21 -41.04 16.38
CA ASP A 226 -24.55 -40.66 15.95
C ASP A 226 -25.01 -41.45 14.72
N GLU A 227 -24.14 -41.55 13.71
CA GLU A 227 -24.47 -42.28 12.48
C GLU A 227 -24.41 -43.79 12.68
N SER A 228 -23.78 -44.22 13.76
CA SER A 228 -23.65 -45.63 14.08
C SER A 228 -24.83 -46.18 14.88
N GLY A 229 -25.84 -45.34 15.12
CA GLY A 229 -27.05 -45.75 15.81
C GLY A 229 -27.24 -45.19 17.21
N TYR A 230 -26.22 -44.50 17.72
CA TYR A 230 -26.25 -43.92 19.06
C TYR A 230 -26.67 -42.45 18.98
N LYS A 231 -27.98 -42.25 18.81
CA LYS A 231 -28.55 -40.92 18.63
C LYS A 231 -28.19 -40.01 19.80
N GLY A 232 -27.66 -38.82 19.48
CA GLY A 232 -27.29 -37.84 20.50
C GLY A 232 -25.99 -38.11 21.24
N PHE A 233 -25.26 -39.15 20.84
CA PHE A 233 -23.96 -39.43 21.43
C PHE A 233 -22.95 -38.45 20.84
N GLU A 234 -22.89 -37.27 21.45
CA GLU A 234 -22.03 -36.19 20.97
C GLU A 234 -21.23 -35.66 22.14
N VAL A 235 -19.90 -35.62 21.97
CA VAL A 235 -19.01 -35.08 22.98
C VAL A 235 -17.96 -34.23 22.32
N GLY A 236 -17.96 -32.94 22.65
CA GLY A 236 -16.90 -32.03 22.24
C GLY A 236 -16.23 -31.48 23.47
N ILE A 237 -14.92 -31.72 23.59
CA ILE A 237 -14.21 -31.31 24.78
C ILE A 237 -13.68 -29.90 24.60
N TRP A 238 -14.50 -28.92 24.98
CA TRP A 238 -14.06 -27.54 24.95
C TRP A 238 -13.04 -27.33 26.06
N HIS A 239 -12.15 -26.38 25.84
CA HIS A 239 -11.11 -26.01 26.80
C HIS A 239 -11.26 -24.51 27.10
N GLY A 240 -11.00 -24.15 28.36
CA GLY A 240 -11.04 -22.76 28.79
C GLY A 240 -9.77 -22.37 29.53
N TRP A 242 -8.58 -19.83 32.80
CA TRP A 242 -9.08 -19.09 33.95
C TRP A 242 -7.92 -18.55 34.80
N ALA A 243 -8.19 -17.47 35.53
CA ALA A 243 -7.29 -16.98 36.58
C ALA A 243 -8.03 -17.10 37.92
N PRO A 244 -7.34 -17.08 39.06
CA PRO A 244 -8.04 -17.17 40.36
C PRO A 244 -8.96 -15.97 40.59
N LYS A 245 -10.05 -16.19 41.33
CA LYS A 245 -10.92 -15.08 41.75
C LYS A 245 -10.10 -13.94 42.34
N GLY A 246 -10.42 -12.72 41.94
CA GLY A 246 -9.79 -11.53 42.50
C GLY A 246 -8.56 -11.08 41.74
N THR A 247 -8.20 -11.79 40.68
CA THR A 247 -7.11 -11.34 39.79
C THR A 247 -7.50 -9.97 39.23
N PRO A 248 -6.62 -8.97 39.34
CA PRO A 248 -6.97 -7.59 38.96
C PRO A 248 -7.48 -7.48 37.53
N LYS A 249 -8.45 -6.59 37.31
CA LYS A 249 -9.03 -6.41 35.98
C LYS A 249 -7.97 -6.15 34.88
N PRO A 250 -7.00 -5.25 35.09
CA PRO A 250 -5.97 -5.02 34.06
C PRO A 250 -5.13 -6.25 33.74
N VAL A 251 -4.98 -7.15 34.72
CA VAL A 251 -4.24 -8.39 34.53
C VAL A 251 -5.09 -9.37 33.70
N VAL A 252 -6.36 -9.53 34.08
CA VAL A 252 -7.30 -10.29 33.25
C VAL A 252 -7.33 -9.75 31.81
N ASP A 253 -7.41 -8.43 31.65
CA ASP A 253 -7.44 -7.81 30.31
C ASP A 253 -6.21 -8.21 29.48
N LYS A 254 -5.04 -8.19 30.12
CA LYS A 254 -3.81 -8.57 29.44
C LYS A 254 -3.84 -10.03 29.02
N LEU A 255 -4.33 -10.88 29.92
CA LEU A 255 -4.47 -12.31 29.62
C LEU A 255 -5.46 -12.56 28.48
N VAL A 256 -6.58 -11.83 28.45
CA VAL A 256 -7.55 -11.96 27.35
C VAL A 256 -6.91 -11.60 26.01
N LYS A 257 -6.20 -10.48 25.98
CA LYS A 257 -5.55 -10.03 24.75
C LYS A 257 -4.52 -11.03 24.26
N SER A 258 -3.77 -11.60 25.20
CA SER A 258 -2.73 -12.57 24.88
C SER A 258 -3.33 -13.89 24.41
N LEU A 259 -4.40 -14.33 25.06
CA LEU A 259 -5.11 -15.53 24.62
C LEU A 259 -5.66 -15.34 23.20
N GLN A 260 -6.27 -14.19 22.94
CA GLN A 260 -6.84 -13.95 21.61
C GLN A 260 -5.75 -14.00 20.54
N ALA A 261 -4.61 -13.41 20.84
CA ALA A 261 -3.49 -13.41 19.91
C ALA A 261 -2.95 -14.82 19.73
N GLY A 262 -2.85 -15.57 20.83
CA GLY A 262 -2.41 -16.95 20.78
C GLY A 262 -3.29 -17.84 19.91
N LEU A 263 -4.60 -17.63 19.97
CA LEU A 263 -5.52 -18.42 19.17
C LEU A 263 -5.47 -18.03 17.71
N ALA A 264 -5.20 -16.75 17.44
CA ALA A 264 -5.18 -16.22 16.07
C ALA A 264 -3.87 -16.54 15.36
N ASP A 265 -2.94 -17.18 16.06
CA ASP A 265 -1.62 -17.47 15.52
C ASP A 265 -1.62 -18.67 14.56
N PRO A 266 -1.00 -18.53 13.39
CA PRO A 266 -1.00 -19.61 12.38
C PRO A 266 -0.34 -20.91 12.81
N LYS A 267 0.78 -20.85 13.52
CA LYS A 267 1.46 -22.06 13.97
C LYS A 267 0.59 -22.86 14.92
N PHE A 268 0.01 -22.16 15.89
CA PHE A 268 -0.91 -22.79 16.82
C PHE A 268 -2.08 -23.43 16.07
N GLN A 269 -2.71 -22.67 15.18
CA GLN A 269 -3.86 -23.17 14.43
C GLN A 269 -3.54 -24.37 13.53
N GLU A 270 -2.36 -24.38 12.91
CA GLU A 270 -1.94 -25.51 12.10
C GLU A 270 -1.82 -26.78 12.94
N ARG A 271 -1.18 -26.66 14.10
CA ARG A 271 -1.02 -27.80 14.99
C ARG A 271 -2.38 -28.31 15.48
N LYS A 273 -5.29 -27.91 13.94
CA LYS A 273 -5.97 -28.49 12.77
C LYS A 273 -5.51 -29.93 12.52
N GLN A 274 -4.20 -30.15 12.57
CA GLN A 274 -3.63 -31.48 12.38
C GLN A 274 -4.15 -32.47 13.43
N LEU A 275 -4.35 -31.97 14.64
CA LEU A 275 -4.82 -32.78 15.76
C LEU A 275 -6.34 -32.83 15.90
N GLY A 276 -7.05 -32.22 14.96
CA GLY A 276 -8.50 -32.31 14.90
C GLY A 276 -9.24 -31.37 15.82
N ALA A 277 -8.52 -30.45 16.45
CA ALA A 277 -9.11 -29.48 17.35
C ALA A 277 -9.63 -28.26 16.61
N GLU A 278 -10.84 -27.84 16.95
CA GLU A 278 -11.40 -26.59 16.45
C GLU A 278 -10.92 -25.47 17.36
N VAL A 279 -10.34 -24.41 16.78
CA VAL A 279 -9.89 -23.28 17.57
C VAL A 279 -11.06 -22.31 17.73
N LEU A 280 -11.33 -21.92 18.98
CA LEU A 280 -12.48 -21.07 19.30
C LEU A 280 -12.05 -19.60 19.30
N THR A 281 -11.53 -19.17 18.15
CA THR A 281 -10.79 -17.92 18.00
C THR A 281 -11.56 -16.69 18.44
N ASN A 282 -12.86 -16.66 18.14
CA ASN A 282 -13.69 -15.51 18.43
C ASN A 282 -14.46 -15.63 19.74
N GLU A 283 -14.13 -16.65 20.53
CA GLU A 283 -14.78 -16.88 21.81
C GLU A 283 -13.80 -16.84 22.98
N ALA A 284 -12.64 -16.23 22.74
CA ALA A 284 -11.62 -16.05 23.78
C ALA A 284 -11.89 -14.78 24.59
N ASN A 285 -13.02 -14.76 25.28
CA ASN A 285 -13.37 -13.65 26.15
C ASN A 285 -14.09 -14.17 27.38
N PRO A 286 -14.03 -13.44 28.50
CA PRO A 286 -14.60 -13.92 29.77
C PRO A 286 -16.07 -14.30 29.67
N GLU A 287 -16.86 -13.50 28.97
CA GLU A 287 -18.29 -13.74 28.87
C GLU A 287 -18.64 -15.06 28.18
N ALA A 288 -17.90 -15.39 27.12
CA ALA A 288 -18.14 -16.63 26.38
C ALA A 288 -17.84 -17.84 27.26
N LEU A 289 -16.74 -17.79 28.00
CA LEU A 289 -16.38 -18.90 28.88
C LEU A 289 -17.38 -19.03 30.04
N GLN A 290 -17.78 -17.89 30.62
CA GLN A 290 -18.75 -17.90 31.73
C GLN A 290 -20.06 -18.54 31.25
N ALA A 291 -20.51 -18.15 30.05
CA ALA A 291 -21.76 -18.69 29.46
C ALA A 291 -21.64 -20.19 29.21
N LYS A 292 -20.49 -20.62 28.73
CA LYS A 292 -20.24 -22.04 28.47
C LYS A 292 -20.37 -22.86 29.74
N VAL A 293 -19.69 -22.42 30.81
CA VAL A 293 -19.77 -23.10 32.10
C VAL A 293 -21.21 -23.12 32.64
N LYS A 294 -21.90 -21.99 32.54
CA LYS A 294 -23.29 -21.86 33.00
C LYS A 294 -24.21 -22.86 32.32
N GLN A 295 -24.02 -23.08 31.03
CA GLN A 295 -24.84 -24.03 30.27
C GLN A 295 -24.42 -25.47 30.56
N GLN A 296 -23.12 -25.69 30.69
CA GLN A 296 -22.58 -27.05 30.71
C GLN A 296 -22.78 -27.80 32.03
N VAL A 297 -22.61 -27.11 33.16
CA VAL A 297 -22.76 -27.77 34.45
C VAL A 297 -24.13 -28.46 34.58
N PRO A 298 -25.24 -27.74 34.37
CA PRO A 298 -26.55 -28.40 34.45
C PRO A 298 -26.75 -29.48 33.37
N GLN A 299 -26.16 -29.29 32.19
CA GLN A 299 -26.31 -30.31 31.14
C GLN A 299 -25.72 -31.65 31.59
N TRP A 300 -24.46 -31.64 32.03
CA TRP A 300 -23.85 -32.88 32.49
C TRP A 300 -24.47 -33.40 33.78
N ALA A 301 -24.98 -32.50 34.62
CA ALA A 301 -25.67 -32.92 35.84
C ALA A 301 -26.84 -33.84 35.51
N GLU A 302 -27.60 -33.44 34.49
CA GLU A 302 -28.77 -34.23 34.07
C GLU A 302 -28.35 -35.56 33.46
N LEU A 303 -27.29 -35.56 32.66
CA LEU A 303 -26.75 -36.80 32.09
C LEU A 303 -26.36 -37.80 33.17
N PHE A 304 -25.62 -37.34 34.18
CA PHE A 304 -25.20 -38.24 35.26
C PHE A 304 -26.38 -38.70 36.12
N LYS A 305 -27.32 -37.80 36.39
CA LYS A 305 -28.54 -38.17 37.12
C LYS A 305 -29.27 -39.32 36.42
N LYS A 306 -29.43 -39.20 35.11
CA LYS A 306 -30.12 -40.23 34.31
C LYS A 306 -29.38 -41.55 34.26
N ALA A 307 -28.06 -41.49 34.41
CA ALA A 307 -27.20 -42.66 34.40
C ALA A 307 -27.03 -43.25 35.80
N GLY A 308 -27.67 -42.62 36.80
CA GLY A 308 -27.56 -43.05 38.20
C GLY A 308 -26.19 -42.80 38.81
N VAL A 309 -25.42 -41.92 38.19
CA VAL A 309 -24.09 -41.61 38.67
C VAL A 309 -24.19 -40.46 39.67
N GLU A 310 -23.87 -40.75 40.92
CA GLU A 310 -24.05 -39.77 41.99
C GLU A 310 -22.73 -39.17 42.43
N LYS A 311 -22.82 -38.07 43.18
CA LYS A 311 -21.64 -37.43 43.75
C LYS A 311 -20.98 -38.31 44.80
N GLN A 312 -19.66 -38.31 44.84
CA GLN A 312 -18.91 -39.07 45.85
C GLN A 312 -17.78 -38.28 46.50
N GLU B 13 24.80 39.73 -57.23
CA GLU B 13 25.08 39.94 -55.79
C GLU B 13 24.02 39.25 -54.93
N TYR B 14 24.31 39.13 -53.63
CA TYR B 14 23.41 38.46 -52.71
C TYR B 14 22.10 39.25 -52.53
N PRO B 15 20.94 38.59 -52.52
CA PRO B 15 20.80 37.15 -52.77
C PRO B 15 20.49 36.82 -54.23
N GLU B 16 21.01 35.69 -54.69
CA GLU B 16 20.84 35.24 -56.08
C GLU B 16 19.78 34.15 -56.18
N ARG B 17 19.34 33.66 -55.02
CA ARG B 17 18.39 32.57 -54.95
C ARG B 17 17.63 32.66 -53.63
N PRO B 18 16.55 31.91 -53.46
CA PRO B 18 15.77 31.93 -52.21
C PRO B 18 16.61 31.72 -50.95
N VAL B 19 16.21 32.46 -49.92
CA VAL B 19 16.87 32.41 -48.63
C VAL B 19 15.97 31.57 -47.73
N ASN B 20 16.55 30.54 -47.13
CA ASN B 20 15.82 29.66 -46.24
C ASN B 20 15.88 30.18 -44.83
N VAL B 22 14.94 29.30 -41.06
CA VAL B 22 14.56 28.23 -40.16
C VAL B 22 13.80 28.77 -38.95
N VAL B 23 12.60 28.23 -38.74
CA VAL B 23 11.81 28.44 -37.53
C VAL B 23 11.87 27.12 -36.74
N PRO B 24 12.51 27.11 -35.57
CA PRO B 24 12.69 25.85 -34.80
C PRO B 24 11.45 25.27 -34.13
N PHE B 25 10.29 25.47 -34.73
CA PHE B 25 9.02 24.97 -34.16
C PHE B 25 8.05 24.60 -35.26
N ALA B 26 7.06 23.79 -34.90
CA ALA B 26 5.99 23.37 -35.79
C ALA B 26 5.31 24.53 -36.48
N ALA B 27 4.94 24.31 -37.75
CA ALA B 27 4.19 25.29 -38.53
C ALA B 27 2.87 25.66 -37.87
N GLY B 28 2.43 26.90 -38.10
CA GLY B 28 1.14 27.34 -37.61
C GLY B 28 1.15 27.92 -36.21
N GLY B 29 2.30 27.91 -35.55
CA GLY B 29 2.44 28.43 -34.20
C GLY B 29 2.91 29.88 -34.18
N PRO B 30 3.25 30.37 -32.99
CA PRO B 30 3.55 31.80 -32.81
C PRO B 30 4.77 32.27 -33.59
N THR B 31 5.86 31.52 -33.53
CA THR B 31 7.07 31.93 -34.26
C THR B 31 6.87 31.80 -35.75
N ASP B 32 6.19 30.73 -36.18
CA ASP B 32 5.86 30.55 -37.58
C ASP B 32 5.00 31.71 -38.10
N ASN B 33 4.06 32.18 -37.29
CA ASN B 33 3.22 33.32 -37.68
C ASN B 33 4.05 34.57 -37.94
N VAL B 34 4.96 34.88 -37.03
CA VAL B 34 5.86 36.02 -37.18
C VAL B 34 6.72 35.85 -38.43
N ALA B 35 7.29 34.66 -38.57
CA ALA B 35 8.13 34.30 -39.71
C ALA B 35 7.48 34.55 -41.07
N ARG B 36 6.25 34.07 -41.25
CA ARG B 36 5.63 34.13 -42.57
C ARG B 36 5.21 35.53 -42.95
N SER B 37 4.79 36.30 -41.95
CA SER B 37 4.50 37.72 -42.14
C SER B 37 5.76 38.51 -42.46
N LEU B 38 6.85 38.22 -41.75
CA LEU B 38 8.11 38.90 -41.97
C LEU B 38 8.72 38.53 -43.33
N ALA B 39 8.58 37.26 -43.72
CA ALA B 39 9.03 36.84 -45.08
C ALA B 39 8.38 37.69 -46.15
N GLU B 40 7.08 37.96 -46.00
CA GLU B 40 6.36 38.80 -46.96
C GLU B 40 6.87 40.25 -46.98
N SER B 41 7.06 40.82 -45.80
CA SER B 41 7.43 42.23 -45.70
C SER B 41 8.89 42.49 -46.10
N ARG B 43 10.42 40.88 -48.58
CA ARG B 43 10.63 40.49 -49.98
C ARG B 43 10.99 41.63 -50.94
N PRO B 44 10.27 42.75 -50.92
CA PRO B 44 10.60 43.87 -51.83
C PRO B 44 12.06 44.32 -51.72
N THR B 45 12.54 44.45 -50.48
CA THR B 45 13.89 44.93 -50.24
C THR B 45 14.92 43.82 -50.48
N LEU B 46 14.63 42.62 -49.96
CA LEU B 46 15.57 41.52 -50.09
C LEU B 46 15.80 41.14 -51.55
N GLY B 47 14.73 41.11 -52.34
CA GLY B 47 14.82 40.84 -53.76
C GLY B 47 14.75 39.36 -54.13
N GLU B 48 14.61 38.51 -53.12
CA GLU B 48 14.34 37.10 -53.33
C GLU B 48 13.30 36.65 -52.33
N THR B 49 12.69 35.51 -52.59
CA THR B 49 11.70 34.96 -51.70
C THR B 49 12.37 34.39 -50.45
N VAL B 50 11.73 34.58 -49.30
CA VAL B 50 12.20 33.97 -48.06
C VAL B 50 11.34 32.73 -47.79
N VAL B 51 11.99 31.57 -47.78
CA VAL B 51 11.28 30.29 -47.62
C VAL B 51 11.39 29.81 -46.19
N VAL B 52 10.26 29.69 -45.52
CA VAL B 52 10.25 29.24 -44.13
C VAL B 52 10.39 27.71 -44.05
N GLU B 53 11.33 27.27 -43.22
CA GLU B 53 11.54 25.86 -42.92
C GLU B 53 11.16 25.66 -41.46
N ASN B 54 10.27 24.72 -41.17
CA ASN B 54 9.92 24.44 -39.79
C ASN B 54 10.66 23.22 -39.30
N LYS B 55 11.53 23.43 -38.31
CA LYS B 55 12.41 22.36 -37.84
C LYS B 55 12.26 22.23 -36.33
N GLY B 56 11.23 21.47 -35.93
CA GLY B 56 10.90 21.33 -34.54
C GLY B 56 11.76 20.31 -33.80
N GLY B 57 11.75 20.42 -32.48
CA GLY B 57 12.40 19.44 -31.63
C GLY B 57 13.26 20.08 -30.55
N ALA B 58 13.24 19.46 -29.37
CA ALA B 58 14.08 19.85 -28.24
C ALA B 58 14.02 21.35 -27.91
N GLY B 59 12.79 21.86 -27.83
CA GLY B 59 12.52 23.23 -27.41
C GLY B 59 13.10 24.30 -28.31
N GLY B 60 13.38 23.93 -29.56
CA GLY B 60 13.95 24.86 -30.53
C GLY B 60 15.45 24.69 -30.76
N THR B 61 16.12 23.87 -29.94
CA THR B 61 17.57 23.75 -30.08
C THR B 61 18.00 23.06 -31.36
N ILE B 62 17.18 22.13 -31.85
CA ILE B 62 17.53 21.42 -33.09
C ILE B 62 17.57 22.38 -34.29
N GLY B 63 16.56 23.24 -34.41
CA GLY B 63 16.52 24.23 -35.47
C GLY B 63 17.64 25.26 -35.36
N THR B 64 17.86 25.74 -34.15
CA THR B 64 18.96 26.69 -33.90
C THR B 64 20.30 26.07 -34.30
N THR B 65 20.50 24.83 -33.88
CA THR B 65 21.71 24.07 -34.20
C THR B 65 21.91 23.90 -35.70
N GLN B 66 20.82 23.61 -36.41
CA GLN B 66 20.91 23.44 -37.86
C GLN B 66 21.50 24.71 -38.51
N VAL B 67 21.03 25.88 -38.10
CA VAL B 67 21.57 27.11 -38.68
C VAL B 67 23.02 27.35 -38.23
N ALA B 68 23.34 27.03 -36.97
CA ALA B 68 24.72 27.16 -36.51
C ALA B 68 25.69 26.35 -37.40
N ARG B 69 25.21 25.22 -37.90
CA ARG B 69 26.04 24.31 -38.69
C ARG B 69 25.91 24.50 -40.20
N ALA B 70 25.05 25.43 -40.61
CA ALA B 70 24.76 25.65 -42.05
C ALA B 70 25.87 26.41 -42.76
N GLN B 71 25.90 26.29 -44.08
CA GLN B 71 26.85 27.08 -44.89
C GLN B 71 26.66 28.58 -44.59
N PRO B 72 27.74 29.28 -44.26
CA PRO B 72 27.65 30.72 -43.96
C PRO B 72 27.60 31.57 -45.24
N ASP B 73 26.61 31.33 -46.09
CA ASP B 73 26.47 32.07 -47.35
C ASP B 73 25.31 33.04 -47.36
N GLY B 74 24.53 33.06 -46.28
CA GLY B 74 23.36 33.91 -46.18
C GLY B 74 22.08 33.28 -46.70
N TYR B 75 22.18 32.04 -47.18
CA TYR B 75 20.99 31.36 -47.70
C TYR B 75 20.31 30.47 -46.65
N SER B 76 20.92 30.39 -45.46
CA SER B 76 20.28 29.78 -44.29
C SER B 76 20.36 30.75 -43.14
N ILE B 77 19.20 31.19 -42.67
CA ILE B 77 19.15 32.13 -41.55
C ILE B 77 18.18 31.60 -40.51
N LEU B 78 18.27 32.13 -39.29
CA LEU B 78 17.49 31.64 -38.17
C LEU B 78 16.54 32.70 -37.67
N LEU B 79 15.26 32.36 -37.49
CA LEU B 79 14.37 33.21 -36.71
C LEU B 79 14.04 32.45 -35.44
N HIS B 81 13.45 32.80 -30.87
CA HIS B 81 13.07 33.70 -29.81
C HIS B 81 13.96 33.55 -28.59
N ALA B 82 13.51 34.14 -27.47
CA ALA B 82 14.27 34.16 -26.22
C ALA B 82 14.72 32.78 -25.71
N GLY B 83 14.09 31.71 -26.17
CA GLY B 83 14.57 30.35 -25.88
C GLY B 83 16.00 30.12 -26.34
N PHE B 84 16.46 30.92 -27.31
CA PHE B 84 17.84 30.95 -27.74
C PHE B 84 18.73 31.19 -26.51
N SER B 85 18.26 32.03 -25.60
CA SER B 85 19.02 32.42 -24.43
C SER B 85 18.79 31.54 -23.20
N THR B 86 17.70 30.78 -23.17
CA THR B 86 17.49 29.87 -22.05
C THR B 86 18.17 28.52 -22.25
N ALA B 87 18.18 28.04 -23.50
CA ALA B 87 18.71 26.69 -23.78
C ALA B 87 20.14 26.42 -23.25
N PRO B 88 21.06 27.39 -23.32
CA PRO B 88 22.41 27.18 -22.75
C PRO B 88 22.43 26.84 -21.27
N SER B 89 21.37 27.20 -20.54
CA SER B 89 21.26 26.85 -19.12
C SER B 89 20.46 25.57 -18.86
N LEU B 90 19.92 24.99 -19.93
CA LEU B 90 19.00 23.85 -19.81
C LEU B 90 19.55 22.55 -20.40
N TYR B 91 20.55 22.69 -21.26
CA TYR B 91 21.17 21.55 -21.94
C TYR B 91 22.67 21.58 -21.68
N LYS B 92 23.25 20.41 -21.42
CA LYS B 92 24.69 20.29 -21.30
C LYS B 92 25.33 20.73 -22.61
N ASN B 93 24.74 20.30 -23.72
CA ASN B 93 25.19 20.66 -25.05
C ASN B 93 24.01 21.09 -25.94
N PRO B 94 23.64 22.36 -25.93
CA PRO B 94 22.46 22.82 -26.71
C PRO B 94 22.70 22.82 -28.22
N GLY B 95 23.96 22.67 -28.64
CA GLY B 95 24.31 22.55 -30.04
C GLY B 95 24.95 23.80 -30.62
N TYR B 96 25.04 24.85 -29.82
CA TYR B 96 25.55 26.14 -30.29
C TYR B 96 26.05 26.93 -29.09
N GLU B 97 26.84 27.96 -29.39
CA GLU B 97 27.41 28.90 -28.43
C GLU B 97 26.66 30.21 -28.67
N PRO B 98 25.90 30.70 -27.69
CA PRO B 98 24.98 31.81 -27.96
C PRO B 98 25.68 33.09 -28.40
N TYR B 99 26.91 33.29 -27.95
CA TYR B 99 27.62 34.52 -28.24
C TYR B 99 28.44 34.48 -29.52
N THR B 100 28.81 33.29 -29.98
CA THR B 100 29.74 33.18 -31.10
C THR B 100 29.33 32.31 -32.29
N SER B 101 28.34 31.44 -32.13
CA SER B 101 27.96 30.53 -33.23
C SER B 101 27.36 31.24 -34.44
N PHE B 102 26.95 32.50 -34.25
CA PHE B 102 26.22 33.22 -35.28
C PHE B 102 26.77 34.60 -35.52
N GLU B 103 26.45 35.15 -36.70
CA GLU B 103 26.50 36.60 -36.89
C GLU B 103 25.08 37.12 -36.65
N PRO B 104 24.87 37.90 -35.59
CA PRO B 104 23.54 38.45 -35.30
C PRO B 104 23.11 39.42 -36.39
N ILE B 105 21.84 39.38 -36.78
CA ILE B 105 21.29 40.36 -37.72
C ILE B 105 20.53 41.45 -36.97
N GLY B 106 19.58 41.07 -36.12
CA GLY B 106 18.85 42.07 -35.35
C GLY B 106 17.65 41.50 -34.63
N LEU B 107 17.08 42.31 -33.72
CA LEU B 107 15.83 41.97 -33.06
C LEU B 107 14.66 42.20 -34.01
N VAL B 108 13.52 41.60 -33.68
CA VAL B 108 12.40 41.50 -34.62
C VAL B 108 11.10 41.97 -33.95
N VAL B 109 10.60 41.17 -33.02
CA VAL B 109 9.40 41.53 -32.25
C VAL B 109 9.58 41.11 -30.78
N ASP B 110 8.75 41.66 -29.91
CA ASP B 110 8.69 41.28 -28.51
C ASP B 110 7.23 40.91 -28.25
N VAL B 111 6.99 39.65 -27.89
CA VAL B 111 5.63 39.11 -27.81
C VAL B 111 5.28 38.75 -26.36
N PRO B 112 4.19 39.32 -25.84
CA PRO B 112 3.73 38.97 -24.49
C PRO B 112 3.05 37.61 -24.46
N THR B 114 0.11 34.86 -22.52
CA THR B 114 -1.16 34.75 -21.81
C THR B 114 -1.20 33.41 -21.11
N ILE B 115 -1.66 33.40 -19.87
CA ILE B 115 -1.95 32.15 -19.17
C ILE B 115 -3.38 31.74 -19.49
N ILE B 116 -3.50 30.58 -20.14
CA ILE B 116 -4.79 30.10 -20.65
C ILE B 116 -5.04 28.66 -20.24
N ALA B 117 -6.28 28.20 -20.40
CA ALA B 117 -6.61 26.82 -20.09
C ALA B 117 -7.68 26.31 -21.05
N ARG B 118 -7.92 25.01 -21.03
CA ARG B 118 -9.00 24.42 -21.81
C ARG B 118 -10.30 25.15 -21.51
N GLY B 119 -11.18 25.19 -22.50
CA GLY B 119 -12.39 26.00 -22.44
C GLY B 119 -13.37 25.71 -21.31
N ASP B 120 -13.30 24.50 -20.76
CA ASP B 120 -14.15 24.10 -19.63
C ASP B 120 -13.40 24.04 -18.29
N PHE B 121 -12.20 24.60 -18.22
CA PHE B 121 -11.45 24.64 -16.95
C PHE B 121 -12.26 25.44 -15.92
N PRO B 122 -12.50 24.86 -14.73
CA PRO B 122 -13.40 25.49 -13.75
C PRO B 122 -13.12 26.96 -13.35
N PRO B 123 -11.90 27.35 -12.98
CA PRO B 123 -11.70 28.72 -12.50
C PRO B 123 -12.02 29.78 -13.55
N ASN B 124 -12.52 30.93 -13.11
CA ASN B 124 -12.89 32.01 -14.02
C ASN B 124 -11.96 33.22 -13.95
N ASN B 125 -11.08 33.24 -12.98
CA ASN B 125 -10.15 34.36 -12.86
C ASN B 125 -8.82 33.88 -12.27
N ILE B 126 -7.81 34.75 -12.32
CA ILE B 126 -6.46 34.37 -11.88
C ILE B 126 -6.37 33.99 -10.40
N LYS B 127 -7.15 34.65 -9.55
CA LYS B 127 -7.19 34.30 -8.13
C LYS B 127 -7.69 32.87 -7.95
N GLU B 128 -8.82 32.56 -8.57
CA GLU B 128 -9.40 31.23 -8.55
C GLU B 128 -8.46 30.21 -9.20
N LEU B 129 -7.78 30.61 -10.27
CA LEU B 129 -6.85 29.70 -10.94
C LEU B 129 -5.74 29.26 -10.00
N ALA B 130 -5.16 30.21 -9.27
CA ALA B 130 -4.09 29.88 -8.33
C ALA B 130 -4.60 28.89 -7.27
N GLU B 131 -5.78 29.17 -6.71
CA GLU B 131 -6.38 28.29 -5.69
C GLU B 131 -6.64 26.90 -6.24
N TYR B 132 -7.20 26.84 -7.44
CA TYR B 132 -7.57 25.59 -8.09
C TYR B 132 -6.32 24.77 -8.41
N VAL B 133 -5.28 25.42 -8.93
CA VAL B 133 -4.05 24.71 -9.27
C VAL B 133 -3.36 24.16 -8.02
N LYS B 134 -3.31 24.98 -6.96
CA LYS B 134 -2.71 24.54 -5.70
C LYS B 134 -3.44 23.33 -5.12
N LYS B 135 -4.76 23.36 -5.15
CA LYS B 135 -5.58 22.31 -4.54
C LYS B 135 -5.61 21.05 -5.38
N ASN B 136 -5.55 21.22 -6.70
CA ASN B 136 -5.75 20.11 -7.63
C ASN B 136 -4.53 19.79 -8.51
N ALA B 137 -3.37 20.22 -8.06
CA ALA B 137 -2.12 20.07 -8.80
C ALA B 137 -1.91 18.67 -9.42
N ASP B 138 -2.18 17.62 -8.64
CA ASP B 138 -1.91 16.26 -9.09
C ASP B 138 -2.80 15.76 -10.23
N LYS B 139 -3.82 16.53 -10.59
CA LYS B 139 -4.67 16.15 -11.71
C LYS B 139 -4.66 17.18 -12.85
N ILE B 140 -3.71 18.10 -12.81
CA ILE B 140 -3.61 19.16 -13.82
C ILE B 140 -2.35 19.00 -14.67
N SER B 141 -2.53 18.97 -16.00
CA SER B 141 -1.41 18.91 -16.93
C SER B 141 -1.09 20.29 -17.52
N LEU B 142 0.20 20.54 -17.70
CA LEU B 142 0.70 21.81 -18.25
C LEU B 142 1.38 21.54 -19.59
N ALA B 143 0.94 22.22 -20.66
CA ALA B 143 1.55 22.04 -21.99
C ALA B 143 2.70 23.02 -22.20
N ASN B 144 3.77 22.55 -22.83
CA ASN B 144 4.78 23.46 -23.36
C ASN B 144 5.36 22.93 -24.66
N ALA B 145 6.26 23.71 -25.27
CA ALA B 145 6.88 23.28 -26.52
C ALA B 145 8.31 22.77 -26.31
N GLY B 146 8.52 22.08 -25.18
CA GLY B 146 9.78 21.44 -24.89
C GLY B 146 10.72 22.29 -24.05
N ILE B 147 11.72 21.65 -23.46
CA ILE B 147 12.68 22.37 -22.63
C ILE B 147 13.47 23.34 -23.53
N GLY B 148 13.39 24.63 -23.21
CA GLY B 148 13.99 25.66 -24.05
C GLY B 148 12.96 26.58 -24.71
N ALA B 149 11.71 26.16 -24.71
CA ALA B 149 10.63 26.94 -25.32
C ALA B 149 10.19 28.13 -24.47
N ALA B 150 9.49 29.08 -25.09
CA ALA B 150 8.91 30.22 -24.37
C ALA B 150 7.87 29.74 -23.37
N SER B 151 7.03 28.80 -23.82
CA SER B 151 6.01 28.18 -22.96
C SER B 151 6.63 27.39 -21.81
N HIS B 152 7.83 26.85 -22.01
CA HIS B 152 8.57 26.18 -20.96
C HIS B 152 9.07 27.19 -19.91
N LEU B 153 9.61 28.32 -20.36
CA LEU B 153 10.10 29.35 -19.46
C LEU B 153 8.95 29.90 -18.60
N CYS B 154 7.89 30.32 -19.27
CA CYS B 154 6.74 30.86 -18.55
C CYS B 154 6.12 29.80 -17.64
N GLY B 155 6.03 28.57 -18.13
CA GLY B 155 5.47 27.47 -17.36
C GLY B 155 6.25 27.24 -16.08
N THR B 156 7.59 27.32 -16.18
CA THR B 156 8.47 27.19 -15.02
C THR B 156 8.17 28.32 -14.03
N LEU B 158 5.49 30.08 -13.74
CA LEU B 158 4.13 29.92 -13.23
C LEU B 158 4.06 28.93 -12.07
N VAL B 159 4.61 27.73 -12.28
CA VAL B 159 4.56 26.71 -11.23
C VAL B 159 5.36 27.16 -10.00
N GLU B 160 6.48 27.86 -10.21
CA GLU B 160 7.28 28.37 -9.10
C GLU B 160 6.51 29.41 -8.29
N ALA B 161 5.82 30.30 -9.00
CA ALA B 161 5.00 31.34 -8.37
C ALA B 161 3.85 30.74 -7.55
N LEU B 162 3.35 29.59 -7.99
CA LEU B 162 2.23 28.93 -7.30
C LEU B 162 2.69 27.89 -6.28
N GLY B 163 3.99 27.59 -6.27
CA GLY B 163 4.55 26.63 -5.34
C GLY B 163 4.09 25.21 -5.63
N VAL B 164 3.88 24.91 -6.90
CA VAL B 164 3.47 23.57 -7.31
C VAL B 164 4.47 22.91 -8.26
N ASN B 165 4.33 21.60 -8.43
CA ASN B 165 5.02 20.90 -9.50
C ASN B 165 3.98 20.14 -10.33
N LEU B 166 3.84 20.53 -11.59
CA LEU B 166 2.82 19.94 -12.46
C LEU B 166 3.44 18.99 -13.48
N LEU B 167 2.71 17.93 -13.79
CA LEU B 167 3.01 17.10 -14.95
C LEU B 167 3.02 18.02 -16.17
N THR B 168 4.06 17.93 -16.98
CA THR B 168 4.11 18.69 -18.23
C THR B 168 4.06 17.77 -19.43
N ILE B 169 3.47 18.26 -20.51
CA ILE B 169 3.45 17.54 -21.78
C ILE B 169 4.15 18.42 -22.81
N PRO B 170 5.30 17.98 -23.32
CA PRO B 170 6.01 18.75 -24.34
C PRO B 170 5.55 18.44 -25.77
N TYR B 171 5.51 19.48 -26.59
CA TYR B 171 5.13 19.38 -27.98
C TYR B 171 6.23 20.03 -28.83
N LYS B 172 6.14 19.89 -30.14
CA LYS B 172 7.16 20.44 -31.04
C LYS B 172 6.90 21.91 -31.38
N GLY B 173 5.87 22.46 -30.76
CA GLY B 173 5.49 23.86 -30.92
C GLY B 173 4.19 24.07 -30.18
N THR B 174 3.78 25.31 -29.98
CA THR B 174 2.48 25.50 -29.32
C THR B 174 1.31 25.41 -30.30
N ALA B 175 1.57 25.27 -31.60
CA ALA B 175 0.48 24.94 -32.52
C ALA B 175 -0.10 23.53 -32.20
N PRO B 176 0.71 22.47 -32.21
CA PRO B 176 0.18 21.17 -31.76
C PRO B 176 -0.31 21.19 -30.31
N ALA B 177 0.36 21.94 -29.42
CA ALA B 177 -0.08 22.02 -28.02
C ALA B 177 -1.47 22.62 -27.97
N ASN B 179 -3.73 22.64 -30.29
CA ASN B 179 -4.70 21.66 -30.81
C ASN B 179 -5.19 20.72 -29.69
N ASP B 180 -4.26 20.27 -28.85
CA ASP B 180 -4.60 19.40 -27.73
C ASP B 180 -5.34 20.14 -26.62
N LEU B 181 -4.99 21.41 -26.38
CA LEU B 181 -5.71 22.21 -25.39
C LEU B 181 -7.17 22.43 -25.82
N LEU B 182 -7.35 22.79 -27.08
CA LEU B 182 -8.69 22.92 -27.68
C LEU B 182 -9.46 21.59 -27.60
N GLY B 183 -8.75 20.48 -27.75
CA GLY B 183 -9.36 19.15 -27.68
C GLY B 183 -9.56 18.64 -26.28
N LYS B 184 -9.14 19.44 -25.29
CA LYS B 184 -9.27 19.14 -23.86
C LYS B 184 -8.40 17.96 -23.41
N GLN B 185 -7.32 17.71 -24.16
CA GLN B 185 -6.37 16.64 -23.88
C GLN B 185 -5.23 17.09 -22.95
N VAL B 186 -5.09 18.40 -22.80
CA VAL B 186 -4.17 19.00 -21.84
C VAL B 186 -4.89 20.19 -21.19
N ASP B 187 -4.46 20.59 -20.00
CA ASP B 187 -5.27 21.48 -19.17
C ASP B 187 -4.90 22.96 -19.21
N LEU B 188 -3.60 23.24 -19.10
CA LEU B 188 -3.12 24.59 -18.82
C LEU B 188 -1.94 24.91 -19.71
N CYS B 190 0.93 28.37 -20.83
CA CYS B 190 1.34 29.76 -21.06
C CYS B 190 1.87 29.83 -22.49
N ASP B 191 1.35 30.77 -23.29
CA ASP B 191 1.67 30.80 -24.72
C ASP B 191 1.60 32.25 -25.22
N GLN B 192 2.23 32.51 -26.36
CA GLN B 192 2.36 33.87 -26.89
C GLN B 192 1.09 34.36 -27.57
N THR B 193 0.85 35.68 -27.52
CA THR B 193 -0.36 36.24 -28.12
C THR B 193 -0.44 36.04 -29.63
N THR B 194 0.70 35.87 -30.29
CA THR B 194 0.72 35.57 -31.71
C THR B 194 0.12 34.19 -32.04
N ASN B 195 -0.02 33.35 -31.02
CA ASN B 195 -0.74 32.08 -31.14
C ASN B 195 -2.07 32.00 -30.36
N THR B 196 -2.21 32.78 -29.29
CA THR B 196 -3.39 32.64 -28.42
C THR B 196 -4.53 33.60 -28.72
N THR B 197 -4.22 34.75 -29.32
CA THR B 197 -5.24 35.79 -29.51
C THR B 197 -6.47 35.20 -30.19
N GLN B 198 -6.22 34.43 -31.25
CA GLN B 198 -7.24 33.84 -32.10
C GLN B 198 -8.22 32.99 -31.28
N GLN B 199 -7.68 32.24 -30.33
CA GLN B 199 -8.48 31.31 -29.52
C GLN B 199 -9.08 31.99 -28.30
N ILE B 200 -8.39 32.99 -27.77
CA ILE B 200 -8.92 33.76 -26.64
C ILE B 200 -10.14 34.60 -27.09
N THR B 201 -9.97 35.37 -28.16
CA THR B 201 -11.03 36.32 -28.56
C THR B 201 -12.30 35.63 -29.04
N SER B 202 -12.20 34.39 -29.50
CA SER B 202 -13.36 33.61 -29.93
C SER B 202 -14.02 32.89 -28.75
N GLY B 203 -13.38 32.95 -27.58
CA GLY B 203 -13.93 32.33 -26.38
C GLY B 203 -13.68 30.84 -26.28
N LYS B 204 -12.75 30.32 -27.09
CA LYS B 204 -12.52 28.89 -27.17
C LYS B 204 -11.63 28.35 -26.06
N VAL B 205 -10.81 29.22 -25.49
CA VAL B 205 -10.00 28.87 -24.32
C VAL B 205 -10.30 29.83 -23.18
N LYS B 206 -10.12 29.37 -21.95
CA LYS B 206 -10.20 30.28 -20.80
C LYS B 206 -8.91 31.08 -20.75
N ALA B 207 -9.00 32.34 -20.36
CA ALA B 207 -7.83 33.24 -20.34
C ALA B 207 -7.81 34.03 -19.05
N TYR B 208 -6.65 34.06 -18.39
CA TYR B 208 -6.57 34.52 -16.99
C TYR B 208 -5.70 35.74 -16.74
N ALA B 209 -4.57 35.82 -17.45
CA ALA B 209 -3.60 36.87 -17.18
C ALA B 209 -2.61 36.99 -18.31
N VAL B 210 -1.91 38.12 -18.33
CA VAL B 210 -0.82 38.34 -19.28
C VAL B 210 0.47 38.58 -18.51
N THR B 211 1.60 38.48 -19.22
CA THR B 211 2.91 38.54 -18.57
C THR B 211 3.67 39.82 -18.87
N SER B 212 2.97 40.79 -19.47
CA SER B 212 3.55 42.09 -19.78
C SER B 212 3.54 43.00 -18.54
N LEU B 213 4.26 44.12 -18.61
CA LEU B 213 4.33 45.09 -17.51
C LEU B 213 3.01 45.85 -17.38
N LYS B 214 2.40 46.12 -18.53
CA LYS B 214 1.10 46.75 -18.63
C LYS B 214 0.18 45.82 -19.36
N ARG B 215 -1.13 46.03 -19.23
CA ARG B 215 -2.08 45.18 -19.94
C ARG B 215 -1.85 45.22 -21.45
N VAL B 216 -2.14 44.09 -22.09
CA VAL B 216 -2.03 43.96 -23.54
C VAL B 216 -3.29 44.61 -24.12
N PRO B 217 -3.12 45.69 -24.90
CA PRO B 217 -4.26 46.50 -25.36
C PRO B 217 -5.29 45.78 -26.22
N THR B 218 -4.87 44.73 -26.93
CA THR B 218 -5.80 43.91 -27.72
C THR B 218 -6.52 42.88 -26.85
N LEU B 219 -6.04 42.69 -25.63
CA LEU B 219 -6.70 41.82 -24.65
C LEU B 219 -6.89 42.59 -23.33
N PRO B 220 -7.62 43.69 -23.37
CA PRO B 220 -7.61 44.67 -22.27
C PRO B 220 -8.25 44.15 -20.97
N ASP B 221 -8.99 43.05 -21.05
CA ASP B 221 -9.66 42.48 -19.87
C ASP B 221 -8.82 41.47 -19.07
N LEU B 222 -7.61 41.19 -19.54
CA LEU B 222 -6.72 40.29 -18.81
C LEU B 222 -5.75 41.08 -17.93
N PRO B 223 -5.76 40.83 -16.61
CA PRO B 223 -4.82 41.50 -15.71
C PRO B 223 -3.38 41.03 -15.96
N THR B 224 -2.40 41.89 -15.72
CA THR B 224 -1.02 41.40 -15.70
C THR B 224 -0.83 40.54 -14.47
N ASP B 226 1.78 40.89 -12.69
CA ASP B 226 2.28 41.93 -11.79
C ASP B 226 1.19 42.51 -10.91
N GLU B 227 0.10 42.95 -11.54
CA GLU B 227 -1.00 43.61 -10.83
C GLU B 227 -1.82 42.59 -10.02
N SER B 228 -1.68 41.30 -10.35
CA SER B 228 -2.39 40.22 -9.65
C SER B 228 -1.61 39.75 -8.42
N GLY B 229 -0.51 40.45 -8.11
CA GLY B 229 0.25 40.20 -6.90
C GLY B 229 1.49 39.36 -7.06
N TYR B 230 1.84 39.04 -8.30
CA TYR B 230 3.05 38.29 -8.60
C TYR B 230 4.13 39.28 -9.02
N LYS B 231 4.76 39.91 -8.03
CA LYS B 231 5.69 41.01 -8.30
C LYS B 231 6.86 40.53 -9.15
N GLY B 232 7.12 41.25 -10.24
CA GLY B 232 8.19 40.91 -11.16
C GLY B 232 7.93 39.72 -12.07
N PHE B 233 6.70 39.23 -12.08
CA PHE B 233 6.32 38.18 -13.03
C PHE B 233 6.15 38.82 -14.40
N GLU B 234 7.27 38.91 -15.11
CA GLU B 234 7.30 39.61 -16.39
C GLU B 234 8.03 38.74 -17.40
N VAL B 235 7.39 38.47 -18.54
CA VAL B 235 8.02 37.68 -19.61
C VAL B 235 7.64 38.29 -20.95
N GLY B 236 8.64 38.77 -21.68
CA GLY B 236 8.44 39.24 -23.04
C GLY B 236 9.29 38.39 -23.95
N ILE B 237 8.67 37.74 -24.94
CA ILE B 237 9.39 36.83 -25.81
C ILE B 237 9.93 37.58 -27.02
N TRP B 238 11.13 38.13 -26.85
CA TRP B 238 11.81 38.78 -27.95
C TRP B 238 12.21 37.74 -28.99
N HIS B 239 12.25 38.17 -30.24
CA HIS B 239 12.66 37.32 -31.35
C HIS B 239 13.83 37.97 -32.04
N GLY B 240 14.77 37.15 -32.52
CA GLY B 240 15.93 37.65 -33.25
C GLY B 240 16.12 36.92 -34.56
N TRP B 242 19.43 35.59 -36.99
CA TRP B 242 20.87 35.37 -37.03
C TRP B 242 21.27 34.67 -38.33
N ALA B 243 22.53 34.87 -38.75
CA ALA B 243 23.13 34.05 -39.80
C ALA B 243 24.29 33.24 -39.20
N PRO B 244 24.77 32.18 -39.86
CA PRO B 244 25.87 31.39 -39.29
C PRO B 244 27.15 32.22 -39.12
N LYS B 245 27.99 31.86 -38.14
CA LYS B 245 29.32 32.47 -38.02
C LYS B 245 30.07 32.41 -39.34
N GLY B 246 30.68 33.53 -39.74
CA GLY B 246 31.50 33.56 -40.94
C GLY B 246 30.77 34.03 -42.19
N THR B 247 29.47 34.31 -42.07
CA THR B 247 28.71 34.88 -43.17
C THR B 247 29.34 36.23 -43.53
N PRO B 248 29.61 36.48 -44.82
CA PRO B 248 30.33 37.71 -45.21
C PRO B 248 29.63 38.99 -44.80
N LYS B 249 30.43 39.99 -44.48
CA LYS B 249 29.92 41.28 -44.07
C LYS B 249 28.87 41.89 -45.03
N PRO B 250 29.10 41.88 -46.34
CA PRO B 250 28.10 42.45 -47.28
C PRO B 250 26.77 41.71 -47.23
N VAL B 251 26.82 40.40 -46.93
CA VAL B 251 25.62 39.58 -46.82
C VAL B 251 24.85 39.94 -45.52
N VAL B 252 25.58 39.99 -44.41
CA VAL B 252 25.01 40.44 -43.15
C VAL B 252 24.37 41.82 -43.33
N ASP B 253 25.10 42.74 -43.98
CA ASP B 253 24.59 44.11 -44.18
C ASP B 253 23.30 44.14 -44.98
N LYS B 254 23.21 43.29 -46.00
CA LYS B 254 21.99 43.21 -46.80
C LYS B 254 20.81 42.65 -45.99
N LEU B 255 21.09 41.63 -45.18
CA LEU B 255 20.07 41.06 -44.31
C LEU B 255 19.59 42.09 -43.28
N VAL B 256 20.52 42.87 -42.72
CA VAL B 256 20.16 43.91 -41.76
C VAL B 256 19.23 44.94 -42.42
N LYS B 257 19.60 45.43 -43.60
CA LYS B 257 18.78 46.42 -44.30
C LYS B 257 17.40 45.86 -44.65
N SER B 258 17.36 44.59 -45.05
CA SER B 258 16.10 43.94 -45.43
C SER B 258 15.19 43.71 -44.22
N LEU B 259 15.79 43.25 -43.11
CA LEU B 259 15.06 43.13 -41.85
C LEU B 259 14.46 44.47 -41.41
N GLN B 260 15.27 45.52 -41.48
CA GLN B 260 14.80 46.86 -41.10
C GLN B 260 13.61 47.30 -41.95
N ALA B 261 13.67 47.04 -43.25
CA ALA B 261 12.55 47.37 -44.14
C ALA B 261 11.33 46.52 -43.80
N GLY B 262 11.57 45.25 -43.46
CA GLY B 262 10.48 44.34 -43.11
C GLY B 262 9.74 44.82 -41.86
N LEU B 263 10.49 45.32 -40.88
CA LEU B 263 9.86 45.78 -39.64
C LEU B 263 9.16 47.13 -39.81
N ALA B 264 9.69 47.94 -40.74
CA ALA B 264 9.15 49.29 -41.00
C ALA B 264 7.93 49.28 -41.92
N ASP B 265 7.52 48.10 -42.34
CA ASP B 265 6.43 47.91 -43.29
C ASP B 265 5.06 47.98 -42.60
N PRO B 266 4.17 48.84 -43.09
CA PRO B 266 2.82 48.97 -42.49
C PRO B 266 2.03 47.66 -42.37
N LYS B 267 2.04 46.82 -43.40
CA LYS B 267 1.24 45.59 -43.38
C LYS B 267 1.75 44.64 -42.29
N PHE B 268 3.07 44.48 -42.22
CA PHE B 268 3.70 43.68 -41.17
C PHE B 268 3.32 44.20 -39.78
N GLN B 269 3.44 45.51 -39.58
CA GLN B 269 3.10 46.11 -38.28
C GLN B 269 1.63 45.94 -37.91
N GLU B 270 0.75 46.05 -38.90
CA GLU B 270 -0.67 45.85 -38.66
C GLU B 270 -0.98 44.42 -38.18
N ARG B 271 -0.37 43.43 -38.84
CA ARG B 271 -0.57 42.04 -38.45
C ARG B 271 0.01 41.79 -37.05
N LYS B 273 0.48 44.07 -34.68
CA LYS B 273 -0.38 44.80 -33.74
C LYS B 273 -1.62 43.98 -33.38
N GLN B 274 -2.26 43.37 -34.37
CA GLN B 274 -3.47 42.59 -34.12
C GLN B 274 -3.17 41.42 -33.19
N LEU B 275 -1.95 40.89 -33.30
CA LEU B 275 -1.53 39.73 -32.55
C LEU B 275 -0.82 40.07 -31.24
N GLY B 276 -0.78 41.37 -30.92
CA GLY B 276 -0.24 41.84 -29.65
C GLY B 276 1.27 41.89 -29.57
N ALA B 277 1.95 41.68 -30.69
CA ALA B 277 3.42 41.75 -30.74
C ALA B 277 3.89 43.20 -30.89
N GLU B 278 4.93 43.56 -30.13
CA GLU B 278 5.59 44.85 -30.29
C GLU B 278 6.69 44.69 -31.33
N VAL B 279 6.67 45.53 -32.36
CA VAL B 279 7.69 45.49 -33.39
C VAL B 279 8.91 46.29 -32.93
N LEU B 280 10.07 45.64 -32.95
CA LEU B 280 11.32 46.25 -32.47
C LEU B 280 12.05 46.94 -33.62
N THR B 281 11.34 47.89 -34.21
CA THR B 281 11.72 48.52 -35.46
C THR B 281 13.10 49.14 -35.44
N ASN B 282 13.44 49.77 -34.32
CA ASN B 282 14.72 50.47 -34.19
C ASN B 282 15.82 49.62 -33.57
N GLU B 283 15.54 48.34 -33.38
CA GLU B 283 16.49 47.42 -32.75
C GLU B 283 16.88 46.27 -33.68
N ALA B 284 16.61 46.46 -34.97
CA ALA B 284 16.94 45.46 -35.98
C ALA B 284 18.37 45.71 -36.48
N ASN B 285 19.32 45.58 -35.56
CA ASN B 285 20.72 45.71 -35.89
C ASN B 285 21.54 44.72 -35.06
N PRO B 286 22.72 44.34 -35.54
CA PRO B 286 23.51 43.30 -34.87
C PRO B 286 23.82 43.65 -33.40
N GLU B 287 24.15 44.91 -33.14
CA GLU B 287 24.54 45.34 -31.80
C GLU B 287 23.41 45.16 -30.78
N ALA B 288 22.19 45.53 -31.16
CA ALA B 288 21.04 45.42 -30.26
C ALA B 288 20.77 43.95 -29.93
N LEU B 289 20.81 43.09 -30.95
CA LEU B 289 20.59 41.66 -30.72
C LEU B 289 21.69 41.05 -29.84
N GLN B 290 22.94 41.36 -30.15
CA GLN B 290 24.07 40.88 -29.34
C GLN B 290 23.93 41.28 -27.87
N ALA B 291 23.57 42.55 -27.62
CA ALA B 291 23.37 43.05 -26.26
C ALA B 291 22.24 42.33 -25.54
N LYS B 292 21.15 42.06 -26.27
CA LYS B 292 20.01 41.35 -25.70
C LYS B 292 20.44 39.96 -25.24
N VAL B 293 21.14 39.24 -26.11
CA VAL B 293 21.61 37.90 -25.77
C VAL B 293 22.55 37.91 -24.57
N LYS B 294 23.47 38.86 -24.55
CA LYS B 294 24.46 39.00 -23.48
C LYS B 294 23.81 39.25 -22.11
N GLN B 295 22.73 40.01 -22.09
CA GLN B 295 21.99 40.27 -20.85
C GLN B 295 21.13 39.06 -20.45
N GLN B 296 20.53 38.41 -21.45
CA GLN B 296 19.50 37.42 -21.17
C GLN B 296 20.05 36.07 -20.72
N VAL B 297 21.15 35.63 -21.33
CA VAL B 297 21.69 34.32 -20.96
C VAL B 297 21.95 34.21 -19.43
N PRO B 298 22.72 35.14 -18.85
CA PRO B 298 22.96 35.10 -17.39
C PRO B 298 21.70 35.28 -16.55
N GLN B 299 20.76 36.10 -17.04
CA GLN B 299 19.49 36.27 -16.33
C GLN B 299 18.75 34.95 -16.16
N TRP B 300 18.55 34.23 -17.27
CA TRP B 300 17.82 32.97 -17.18
C TRP B 300 18.63 31.86 -16.49
N ALA B 301 19.96 31.94 -16.59
CA ALA B 301 20.83 31.01 -15.86
C ALA B 301 20.53 31.08 -14.36
N GLU B 302 20.38 32.30 -13.84
CA GLU B 302 20.07 32.49 -12.43
C GLU B 302 18.70 31.91 -12.05
N LEU B 303 17.71 32.14 -12.90
CA LEU B 303 16.36 31.60 -12.67
C LEU B 303 16.39 30.07 -12.59
N PHE B 304 17.05 29.44 -13.56
CA PHE B 304 17.04 27.98 -13.63
C PHE B 304 17.94 27.36 -12.56
N LYS B 305 18.97 28.10 -12.14
CA LYS B 305 19.82 27.66 -11.03
C LYS B 305 19.00 27.59 -9.74
N LYS B 306 18.22 28.65 -9.47
CA LYS B 306 17.36 28.69 -8.29
C LYS B 306 16.31 27.57 -8.32
N ALA B 307 15.85 27.26 -9.52
CA ALA B 307 14.89 26.17 -9.76
C ALA B 307 15.47 24.78 -9.53
N GLY B 308 16.79 24.69 -9.41
CA GLY B 308 17.50 23.43 -9.27
C GLY B 308 17.47 22.56 -10.52
N VAL B 309 17.41 23.19 -11.69
CA VAL B 309 17.33 22.46 -12.97
C VAL B 309 18.59 21.60 -13.25
N GLU B 310 18.40 20.30 -13.45
CA GLU B 310 19.46 19.44 -13.94
C GLU B 310 19.51 19.50 -15.47
N LYS B 311 20.57 20.12 -16.00
CA LYS B 311 20.81 20.14 -17.44
C LYS B 311 20.77 18.72 -17.99
N GLN B 312 20.10 18.54 -19.13
CA GLN B 312 20.03 17.23 -19.75
C GLN B 312 20.89 17.13 -21.01
N TYR C 14 27.14 11.80 -10.64
CA TYR C 14 26.14 10.79 -10.18
C TYR C 14 24.87 10.79 -11.05
N PRO C 15 24.32 9.62 -11.39
CA PRO C 15 24.91 8.30 -11.10
C PRO C 15 25.77 7.79 -12.24
N GLU C 16 26.71 6.90 -11.91
CA GLU C 16 27.60 6.34 -12.91
C GLU C 16 27.54 4.82 -12.96
N ARG C 17 26.63 4.26 -12.17
CA ARG C 17 26.30 2.84 -12.24
C ARG C 17 24.85 2.64 -11.78
N PRO C 18 24.29 1.44 -11.98
CA PRO C 18 22.88 1.20 -11.58
C PRO C 18 22.59 1.55 -10.13
N VAL C 19 21.39 2.07 -9.90
CA VAL C 19 20.94 2.46 -8.57
C VAL C 19 20.02 1.37 -8.08
N ASN C 20 20.26 0.87 -6.87
CA ASN C 20 19.42 -0.17 -6.29
C ASN C 20 18.29 0.43 -5.48
N VAL C 22 15.31 -0.60 -2.98
CA VAL C 22 14.80 -1.65 -2.11
C VAL C 22 13.29 -1.51 -1.89
N VAL C 23 12.58 -2.61 -2.11
CA VAL C 23 11.15 -2.70 -1.86
C VAL C 23 11.03 -3.69 -0.70
N PRO C 24 10.62 -3.24 0.48
CA PRO C 24 10.54 -4.14 1.66
C PRO C 24 9.44 -5.20 1.67
N PHE C 25 9.06 -5.71 0.50
CA PHE C 25 8.02 -6.74 0.37
C PHE C 25 8.34 -7.66 -0.77
N ALA C 26 7.68 -8.82 -0.76
CA ALA C 26 7.86 -9.84 -1.78
C ALA C 26 7.60 -9.34 -3.18
N ALA C 27 8.35 -9.87 -4.15
CA ALA C 27 8.18 -9.51 -5.55
C ALA C 27 6.76 -9.77 -6.06
N GLY C 28 6.30 -8.90 -6.98
CA GLY C 28 5.03 -9.08 -7.67
C GLY C 28 3.81 -8.56 -6.94
N GLY C 29 4.01 -7.89 -5.81
CA GLY C 29 2.92 -7.31 -5.03
C GLY C 29 2.74 -5.83 -5.34
N PRO C 30 1.91 -5.14 -4.56
CA PRO C 30 1.52 -3.76 -4.88
C PRO C 30 2.71 -2.79 -4.90
N THR C 31 3.56 -2.83 -3.89
CA THR C 31 4.70 -1.92 -3.86
C THR C 31 5.69 -2.25 -4.95
N ASP C 32 5.92 -3.54 -5.17
CA ASP C 32 6.82 -3.97 -6.25
C ASP C 32 6.31 -3.53 -7.63
N ASN C 33 4.99 -3.57 -7.83
CA ASN C 33 4.40 -3.15 -9.10
C ASN C 33 4.72 -1.67 -9.35
N VAL C 34 4.54 -0.84 -8.32
CA VAL C 34 4.86 0.58 -8.44
C VAL C 34 6.35 0.75 -8.71
N ALA C 35 7.16 0.00 -7.95
CA ALA C 35 8.61 0.11 -8.05
C ALA C 35 9.14 -0.18 -9.46
N ARG C 36 8.68 -1.27 -10.06
CA ARG C 36 9.22 -1.67 -11.36
C ARG C 36 8.79 -0.70 -12.46
N SER C 37 7.57 -0.18 -12.36
CA SER C 37 7.09 0.84 -13.28
C SER C 37 7.90 2.13 -13.13
N LEU C 38 8.13 2.53 -11.88
CA LEU C 38 8.88 3.75 -11.62
C LEU C 38 10.36 3.62 -11.99
N ALA C 39 10.93 2.44 -11.74
CA ALA C 39 12.32 2.17 -12.12
C ALA C 39 12.52 2.42 -13.61
N GLU C 40 11.57 1.93 -14.41
CA GLU C 40 11.62 2.11 -15.86
C GLU C 40 11.48 3.58 -16.23
N SER C 41 10.53 4.27 -15.63
CA SER C 41 10.23 5.64 -16.04
C SER C 41 11.31 6.63 -15.60
N ARG C 43 14.57 5.96 -15.63
CA ARG C 43 15.82 5.68 -16.35
C ARG C 43 16.35 6.81 -17.25
N PRO C 44 15.52 7.37 -18.15
CA PRO C 44 16.02 8.41 -19.07
C PRO C 44 16.65 9.62 -18.39
N THR C 45 16.01 10.14 -17.35
CA THR C 45 16.50 11.31 -16.63
C THR C 45 17.65 10.96 -15.68
N LEU C 46 17.52 9.84 -14.98
CA LEU C 46 18.57 9.41 -14.06
C LEU C 46 19.88 9.13 -14.81
N GLY C 47 19.77 8.49 -15.97
CA GLY C 47 20.93 8.17 -16.79
C GLY C 47 21.54 6.80 -16.52
N GLU C 48 20.97 6.07 -15.57
CA GLU C 48 21.41 4.72 -15.24
C GLU C 48 20.16 3.90 -14.95
N THR C 49 20.28 2.58 -15.03
CA THR C 49 19.18 1.69 -14.70
C THR C 49 18.90 1.70 -13.21
N VAL C 50 17.65 1.50 -12.85
CA VAL C 50 17.27 1.33 -11.47
C VAL C 50 16.92 -0.14 -11.30
N VAL C 51 17.59 -0.78 -10.35
CA VAL C 51 17.47 -2.22 -10.13
C VAL C 51 16.67 -2.46 -8.85
N VAL C 52 15.50 -3.09 -8.99
CA VAL C 52 14.62 -3.31 -7.84
C VAL C 52 15.08 -4.54 -7.08
N GLU C 53 15.16 -4.43 -5.76
CA GLU C 53 15.57 -5.52 -4.88
C GLU C 53 14.47 -5.70 -3.86
N ASN C 54 13.94 -6.92 -3.76
CA ASN C 54 12.90 -7.20 -2.78
C ASN C 54 13.52 -7.72 -1.48
N LYS C 55 13.12 -7.13 -0.36
CA LYS C 55 13.62 -7.55 0.95
C LYS C 55 12.46 -7.61 1.91
N GLY C 56 11.70 -8.70 1.85
CA GLY C 56 10.54 -8.88 2.71
C GLY C 56 10.88 -9.31 4.14
N GLY C 57 9.89 -9.10 5.02
CA GLY C 57 9.95 -9.59 6.39
C GLY C 57 9.53 -8.52 7.36
N ALA C 58 8.88 -8.97 8.44
CA ALA C 58 8.45 -8.09 9.54
C ALA C 58 7.76 -6.82 9.02
N GLY C 59 6.81 -7.00 8.12
CA GLY C 59 5.90 -5.94 7.69
C GLY C 59 6.55 -4.76 7.00
N GLY C 60 7.74 -4.98 6.44
CA GLY C 60 8.46 -3.93 5.76
C GLY C 60 9.63 -3.39 6.56
N THR C 61 9.69 -3.69 7.86
CA THR C 61 10.76 -3.09 8.68
C THR C 61 12.16 -3.58 8.34
N ILE C 62 12.28 -4.84 7.90
CA ILE C 62 13.61 -5.37 7.56
C ILE C 62 14.20 -4.63 6.35
N GLY C 63 13.39 -4.43 5.32
CA GLY C 63 13.84 -3.70 4.14
C GLY C 63 14.11 -2.22 4.41
N THR C 64 13.23 -1.60 5.18
CA THR C 64 13.41 -0.21 5.58
C THR C 64 14.72 -0.06 6.36
N THR C 65 14.94 -0.97 7.31
CA THR C 65 16.16 -0.97 8.11
C THR C 65 17.42 -1.16 7.25
N GLN C 66 17.34 -2.05 6.26
CA GLN C 66 18.47 -2.27 5.37
C GLN C 66 18.91 -0.95 4.71
N VAL C 67 17.95 -0.16 4.22
CA VAL C 67 18.34 1.12 3.60
C VAL C 67 18.84 2.13 4.67
N ALA C 68 18.22 2.12 5.85
CA ALA C 68 18.70 2.98 6.94
C ALA C 68 20.17 2.71 7.21
N ARG C 69 20.59 1.45 7.07
CA ARG C 69 21.97 1.04 7.34
C ARG C 69 22.88 1.04 6.10
N ALA C 70 22.34 1.43 4.95
CA ALA C 70 23.07 1.31 3.69
C ALA C 70 24.01 2.48 3.49
N GLN C 71 24.99 2.30 2.61
CA GLN C 71 25.95 3.36 2.31
C GLN C 71 25.24 4.60 1.71
N PRO C 72 25.45 5.78 2.30
CA PRO C 72 24.81 7.01 1.80
C PRO C 72 25.50 7.61 0.57
N ASP C 73 25.47 6.88 -0.54
CA ASP C 73 26.12 7.36 -1.75
C ASP C 73 25.15 7.56 -2.92
N GLY C 74 23.87 7.30 -2.67
CA GLY C 74 22.87 7.38 -3.73
C GLY C 74 22.63 6.10 -4.51
N TYR C 75 23.42 5.06 -4.24
CA TYR C 75 23.25 3.81 -4.98
C TYR C 75 22.35 2.80 -4.28
N SER C 76 21.86 3.18 -3.10
CA SER C 76 20.83 2.40 -2.41
C SER C 76 19.73 3.36 -1.98
N ILE C 77 18.53 3.13 -2.48
CA ILE C 77 17.39 3.95 -2.10
C ILE C 77 16.23 3.06 -1.67
N LEU C 78 15.26 3.66 -0.97
CA LEU C 78 14.14 2.92 -0.44
C LEU C 78 12.84 3.40 -1.08
N LEU C 79 12.01 2.45 -1.53
CA LEU C 79 10.63 2.75 -1.86
C LEU C 79 9.76 2.06 -0.83
N HIS C 81 5.98 2.42 1.80
CA HIS C 81 4.70 3.07 1.93
C HIS C 81 4.42 3.50 3.37
N ALA C 82 3.16 3.83 3.65
CA ALA C 82 2.73 4.34 4.95
C ALA C 82 3.08 3.45 6.14
N GLY C 83 3.38 2.19 5.89
CA GLY C 83 3.88 1.31 6.95
C GLY C 83 5.16 1.84 7.57
N PHE C 84 5.92 2.63 6.81
CA PHE C 84 7.07 3.37 7.33
C PHE C 84 6.67 4.12 8.59
N SER C 85 5.44 4.65 8.60
CA SER C 85 4.95 5.46 9.71
C SER C 85 4.15 4.70 10.77
N THR C 86 3.67 3.49 10.47
CA THR C 86 2.97 2.70 11.48
C THR C 86 3.96 1.89 12.30
N ALA C 87 5.02 1.38 11.66
CA ALA C 87 5.98 0.50 12.35
C ALA C 87 6.58 1.03 13.68
N PRO C 88 6.94 2.32 13.77
CA PRO C 88 7.44 2.88 15.03
C PRO C 88 6.47 2.73 16.22
N SER C 89 5.18 2.55 15.95
CA SER C 89 4.20 2.33 17.00
C SER C 89 3.93 0.85 17.27
N LEU C 90 4.55 -0.03 16.50
CA LEU C 90 4.21 -1.45 16.52
C LEU C 90 5.36 -2.30 16.99
N TYR C 91 6.57 -1.75 16.91
CA TYR C 91 7.78 -2.46 17.29
C TYR C 91 8.53 -1.64 18.32
N LYS C 92 9.04 -2.30 19.35
CA LYS C 92 9.92 -1.63 20.31
C LYS C 92 11.15 -1.04 19.59
N ASN C 93 11.70 -1.83 18.67
CA ASN C 93 12.85 -1.39 17.86
C ASN C 93 12.65 -1.75 16.39
N PRO C 94 11.98 -0.87 15.64
CA PRO C 94 11.68 -1.14 14.23
C PRO C 94 12.94 -1.16 13.35
N GLY C 95 14.04 -0.59 13.86
CA GLY C 95 15.32 -0.63 13.17
C GLY C 95 15.75 0.71 12.60
N TYR C 96 14.89 1.72 12.69
CA TYR C 96 15.18 3.05 12.17
C TYR C 96 14.36 4.08 12.94
N GLU C 97 14.75 5.35 12.80
CA GLU C 97 13.99 6.45 13.36
C GLU C 97 13.33 7.17 12.18
N PRO C 98 11.99 7.23 12.14
CA PRO C 98 11.28 7.75 10.96
C PRO C 98 11.67 9.19 10.59
N TYR C 99 11.99 10.02 11.57
CA TYR C 99 12.25 11.43 11.28
C TYR C 99 13.69 11.73 10.89
N THR C 100 14.63 10.84 11.25
CA THR C 100 16.07 11.14 11.13
C THR C 100 16.97 10.11 10.43
N SER C 101 16.48 8.88 10.25
CA SER C 101 17.35 7.84 9.69
C SER C 101 17.61 8.03 8.19
N PHE C 102 16.85 8.90 7.55
CA PHE C 102 16.91 9.04 6.09
C PHE C 102 17.02 10.47 5.60
N GLU C 103 17.46 10.64 4.36
CA GLU C 103 17.18 11.87 3.60
C GLU C 103 15.96 11.62 2.73
N PRO C 104 14.84 12.28 2.99
CA PRO C 104 13.65 12.11 2.17
C PRO C 104 13.88 12.62 0.76
N ILE C 105 13.35 11.90 -0.23
CA ILE C 105 13.41 12.35 -1.62
C ILE C 105 12.06 12.93 -2.02
N GLY C 106 11.00 12.16 -1.85
CA GLY C 106 9.67 12.68 -2.13
C GLY C 106 8.58 11.65 -2.06
N LEU C 107 7.33 12.13 -2.06
CA LEU C 107 6.18 11.24 -2.21
C LEU C 107 6.05 10.78 -3.66
N VAL C 108 5.33 9.68 -3.84
CA VAL C 108 5.35 8.93 -5.10
C VAL C 108 3.94 8.72 -5.63
N VAL C 109 3.16 7.89 -4.93
CA VAL C 109 1.75 7.59 -5.27
C VAL C 109 0.94 7.43 -4.00
N ASP C 110 -0.37 7.57 -4.13
CA ASP C 110 -1.29 7.29 -3.03
C ASP C 110 -2.27 6.25 -3.55
N VAL C 111 -2.39 5.13 -2.85
CA VAL C 111 -3.10 3.96 -3.35
C VAL C 111 -4.23 3.57 -2.39
N PRO C 112 -5.46 3.46 -2.90
CA PRO C 112 -6.58 3.05 -2.05
C PRO C 112 -6.59 1.53 -1.88
N THR C 114 -8.87 -2.20 -1.19
CA THR C 114 -10.12 -2.94 -1.39
C THR C 114 -10.20 -4.04 -0.37
N ILE C 115 -11.36 -4.19 0.27
CA ILE C 115 -11.61 -5.40 1.06
C ILE C 115 -12.10 -6.52 0.14
N ILE C 116 -11.34 -7.61 0.09
CA ILE C 116 -11.63 -8.71 -0.84
C ILE C 116 -11.63 -10.06 -0.13
N ALA C 117 -12.18 -11.06 -0.81
CA ALA C 117 -12.18 -12.41 -0.27
C ALA C 117 -11.99 -13.40 -1.40
N ARG C 118 -11.76 -14.66 -1.05
CA ARG C 118 -11.63 -15.72 -2.05
C ARG C 118 -12.87 -15.77 -2.96
N GLY C 119 -12.66 -16.20 -4.21
CA GLY C 119 -13.69 -16.14 -5.25
C GLY C 119 -15.02 -16.80 -4.94
N ASP C 120 -15.02 -17.76 -4.02
CA ASP C 120 -16.21 -18.50 -3.64
C ASP C 120 -16.66 -18.22 -2.20
N PHE C 121 -16.16 -17.14 -1.61
CA PHE C 121 -16.62 -16.71 -0.29
C PHE C 121 -18.12 -16.39 -0.40
N PRO C 122 -18.95 -16.96 0.47
CA PRO C 122 -20.41 -16.78 0.35
C PRO C 122 -20.95 -15.33 0.22
N PRO C 123 -20.57 -14.36 1.06
CA PRO C 123 -21.18 -13.01 0.96
C PRO C 123 -20.91 -12.34 -0.38
N ASN C 124 -21.87 -11.54 -0.84
CA ASN C 124 -21.73 -10.88 -2.14
C ASN C 124 -21.57 -9.37 -2.02
N ASN C 125 -21.86 -8.81 -0.84
CA ASN C 125 -21.71 -7.39 -0.59
C ASN C 125 -21.26 -7.09 0.84
N ILE C 126 -20.98 -5.81 1.12
CA ILE C 126 -20.40 -5.43 2.41
C ILE C 126 -21.33 -5.68 3.60
N LYS C 127 -22.63 -5.47 3.40
CA LYS C 127 -23.64 -5.80 4.43
C LYS C 127 -23.57 -7.28 4.78
N GLU C 128 -23.62 -8.12 3.74
CA GLU C 128 -23.53 -9.56 3.90
C GLU C 128 -22.19 -10.01 4.49
N LEU C 129 -21.11 -9.35 4.08
CA LEU C 129 -19.79 -9.68 4.60
C LEU C 129 -19.71 -9.52 6.11
N ALA C 130 -20.20 -8.40 6.64
CA ALA C 130 -20.16 -8.12 8.07
C ALA C 130 -20.93 -9.16 8.86
N GLU C 131 -22.12 -9.49 8.35
CA GLU C 131 -22.98 -10.52 8.96
C GLU C 131 -22.29 -11.89 8.94
N TYR C 132 -21.72 -12.26 7.79
CA TYR C 132 -21.08 -13.55 7.62
C TYR C 132 -19.82 -13.69 8.49
N VAL C 133 -19.02 -12.63 8.54
CA VAL C 133 -17.79 -12.66 9.35
C VAL C 133 -18.11 -12.78 10.84
N LYS C 134 -19.08 -11.99 11.32
CA LYS C 134 -19.49 -12.06 12.72
C LYS C 134 -20.02 -13.44 13.12
N LYS C 135 -20.79 -14.07 12.24
CA LYS C 135 -21.42 -15.35 12.54
C LYS C 135 -20.45 -16.51 12.42
N ASN C 136 -19.52 -16.41 11.46
CA ASN C 136 -18.63 -17.52 11.13
C ASN C 136 -17.17 -17.22 11.43
N ALA C 137 -16.90 -16.30 12.34
CA ALA C 137 -15.55 -15.83 12.63
C ALA C 137 -14.54 -16.98 12.70
N ASP C 138 -14.85 -18.02 13.47
CA ASP C 138 -13.92 -19.16 13.62
C ASP C 138 -13.54 -19.90 12.34
N LYS C 139 -14.35 -19.81 11.30
CA LYS C 139 -14.02 -20.51 10.05
C LYS C 139 -13.29 -19.59 9.08
N ILE C 140 -12.95 -18.38 9.55
CA ILE C 140 -12.41 -17.36 8.66
C ILE C 140 -10.97 -16.95 8.97
N SER C 141 -10.13 -17.01 7.94
CA SER C 141 -8.75 -16.55 8.06
C SER C 141 -8.54 -15.22 7.33
N LEU C 142 -7.78 -14.34 7.97
CA LEU C 142 -7.44 -13.04 7.39
C LEU C 142 -5.96 -13.06 7.06
N ALA C 143 -5.61 -12.59 5.86
CA ALA C 143 -4.21 -12.50 5.45
C ALA C 143 -3.72 -11.07 5.56
N ASN C 144 -2.47 -10.89 5.97
CA ASN C 144 -1.81 -9.60 5.82
C ASN C 144 -0.34 -9.80 5.51
N ALA C 145 0.38 -8.70 5.34
CA ALA C 145 1.80 -8.79 5.00
C ALA C 145 2.71 -8.49 6.19
N GLY C 146 2.24 -8.85 7.38
CA GLY C 146 3.02 -8.71 8.61
C GLY C 146 2.71 -7.42 9.35
N ILE C 147 3.04 -7.39 10.64
CA ILE C 147 2.86 -6.19 11.47
C ILE C 147 3.67 -5.05 10.87
N GLY C 148 3.00 -3.95 10.58
CA GLY C 148 3.63 -2.83 9.88
C GLY C 148 3.16 -2.66 8.45
N ALA C 149 2.48 -3.67 7.91
CA ALA C 149 2.03 -3.64 6.51
C ALA C 149 0.75 -2.81 6.33
N ALA C 150 0.47 -2.42 5.09
CA ALA C 150 -0.78 -1.73 4.74
C ALA C 150 -1.98 -2.64 5.04
N SER C 151 -1.85 -3.90 4.64
CA SER C 151 -2.89 -4.89 4.87
C SER C 151 -3.06 -5.19 6.36
N HIS C 152 -2.00 -4.99 7.13
CA HIS C 152 -2.07 -5.13 8.58
C HIS C 152 -2.86 -3.99 9.20
N LEU C 153 -2.57 -2.75 8.75
CA LEU C 153 -3.29 -1.58 9.24
C LEU C 153 -4.79 -1.71 8.94
N CYS C 154 -5.12 -1.98 7.68
CA CYS C 154 -6.52 -2.09 7.28
C CYS C 154 -7.21 -3.29 7.95
N GLY C 155 -6.49 -4.41 8.04
CA GLY C 155 -7.02 -5.60 8.69
C GLY C 155 -7.34 -5.34 10.15
N THR C 156 -6.49 -4.56 10.83
CA THR C 156 -6.68 -4.18 12.22
C THR C 156 -7.97 -3.37 12.35
N LEU C 158 -10.44 -3.31 10.28
CA LEU C 158 -11.58 -4.13 9.89
C LEU C 158 -12.07 -5.02 11.03
N VAL C 159 -11.16 -5.75 11.66
CA VAL C 159 -11.56 -6.64 12.76
C VAL C 159 -12.05 -5.83 13.98
N GLU C 160 -11.47 -4.65 14.20
CA GLU C 160 -11.94 -3.78 15.27
C GLU C 160 -13.37 -3.30 14.98
N ALA C 161 -13.63 -2.92 13.73
CA ALA C 161 -14.95 -2.43 13.34
C ALA C 161 -16.02 -3.53 13.43
N LEU C 162 -15.62 -4.77 13.15
CA LEU C 162 -16.54 -5.90 13.21
C LEU C 162 -16.63 -6.55 14.60
N GLY C 163 -15.68 -6.21 15.46
CA GLY C 163 -15.64 -6.76 16.81
C GLY C 163 -15.30 -8.25 16.85
N VAL C 164 -14.40 -8.67 15.97
CA VAL C 164 -14.02 -10.09 15.88
C VAL C 164 -12.53 -10.31 16.09
N ASN C 165 -12.20 -11.53 16.50
CA ASN C 165 -10.83 -12.00 16.55
C ASN C 165 -10.72 -13.14 15.55
N LEU C 166 -9.86 -12.98 14.53
CA LEU C 166 -9.70 -13.95 13.44
C LEU C 166 -8.29 -14.52 13.39
N LEU C 167 -8.21 -15.79 13.00
CA LEU C 167 -6.96 -16.36 12.53
C LEU C 167 -6.33 -15.38 11.55
N THR C 168 -5.12 -14.94 11.85
CA THR C 168 -4.44 -13.95 11.03
C THR C 168 -3.11 -14.49 10.56
N ILE C 169 -2.93 -14.54 9.24
CA ILE C 169 -1.75 -15.17 8.64
C ILE C 169 -0.90 -14.09 7.96
N PRO C 170 0.30 -13.84 8.50
CA PRO C 170 1.23 -12.89 7.88
C PRO C 170 2.11 -13.51 6.82
N TYR C 171 2.30 -12.75 5.75
CA TYR C 171 3.13 -13.11 4.62
C TYR C 171 4.19 -12.04 4.42
N LYS C 172 5.16 -12.32 3.56
CA LYS C 172 6.22 -11.37 3.25
C LYS C 172 5.75 -10.26 2.30
N GLY C 173 4.52 -10.34 1.86
CA GLY C 173 3.93 -9.35 0.99
C GLY C 173 2.53 -9.79 0.62
N THR C 174 1.75 -8.93 -0.02
CA THR C 174 0.43 -9.39 -0.46
C THR C 174 0.45 -10.13 -1.79
N ALA C 175 1.61 -10.22 -2.45
CA ALA C 175 1.71 -11.12 -3.59
C ALA C 175 1.56 -12.59 -3.16
N PRO C 176 2.39 -13.09 -2.24
CA PRO C 176 2.16 -14.45 -1.74
C PRO C 176 0.81 -14.60 -1.06
N ALA C 177 0.35 -13.58 -0.33
CA ALA C 177 -0.97 -13.66 0.29
C ALA C 177 -2.05 -13.85 -0.78
N ASN C 179 -1.68 -15.09 -3.80
CA ASN C 179 -1.60 -16.46 -4.31
C ASN C 179 -2.35 -17.46 -3.44
N ASP C 180 -2.24 -17.32 -2.12
CA ASP C 180 -3.00 -18.21 -1.23
C ASP C 180 -4.49 -17.93 -1.26
N LEU C 181 -4.85 -16.67 -1.44
CA LEU C 181 -6.27 -16.29 -1.57
C LEU C 181 -6.88 -16.90 -2.83
N LEU C 182 -6.16 -16.77 -3.93
CA LEU C 182 -6.58 -17.37 -5.20
C LEU C 182 -6.68 -18.88 -5.07
N GLY C 183 -5.78 -19.47 -4.30
CA GLY C 183 -5.76 -20.90 -4.05
C GLY C 183 -6.75 -21.34 -2.99
N LYS C 184 -7.50 -20.39 -2.45
CA LYS C 184 -8.55 -20.64 -1.45
C LYS C 184 -7.98 -21.20 -0.13
N GLN C 185 -6.70 -20.89 0.11
CA GLN C 185 -5.97 -21.29 1.31
C GLN C 185 -6.13 -20.28 2.44
N VAL C 186 -6.53 -19.07 2.10
CA VAL C 186 -6.87 -18.04 3.08
C VAL C 186 -8.17 -17.37 2.58
N ASP C 187 -8.93 -16.72 3.46
CA ASP C 187 -10.29 -16.30 3.12
C ASP C 187 -10.47 -14.84 2.75
N LEU C 188 -9.84 -13.95 3.51
CA LEU C 188 -10.21 -12.55 3.54
C LEU C 188 -8.96 -11.70 3.62
N CYS C 190 -7.50 -7.27 3.19
CA CYS C 190 -7.53 -5.90 2.69
C CYS C 190 -6.23 -5.62 1.98
N ASP C 191 -6.31 -5.15 0.74
CA ASP C 191 -5.09 -5.03 -0.06
C ASP C 191 -5.25 -3.88 -1.05
N GLN C 192 -4.13 -3.41 -1.62
CA GLN C 192 -4.13 -2.20 -2.45
C GLN C 192 -4.60 -2.50 -3.87
N THR C 193 -5.21 -1.50 -4.52
CA THR C 193 -5.73 -1.69 -5.89
C THR C 193 -4.65 -2.01 -6.91
N THR C 194 -3.41 -1.63 -6.61
CA THR C 194 -2.28 -1.97 -7.46
C THR C 194 -2.00 -3.47 -7.46
N ASN C 195 -2.56 -4.21 -6.50
CA ASN C 195 -2.46 -5.65 -6.48
C ASN C 195 -3.79 -6.39 -6.74
N THR C 196 -4.91 -5.71 -6.50
CA THR C 196 -6.20 -6.41 -6.55
C THR C 196 -7.02 -6.14 -7.80
N THR C 197 -6.75 -5.03 -8.49
CA THR C 197 -7.63 -4.62 -9.59
C THR C 197 -7.78 -5.74 -10.60
N GLN C 198 -6.65 -6.35 -10.92
CA GLN C 198 -6.54 -7.40 -11.92
C GLN C 198 -7.47 -8.59 -11.58
N GLN C 199 -7.43 -9.04 -10.32
CA GLN C 199 -8.21 -10.18 -9.85
C GLN C 199 -9.69 -9.85 -9.63
N ILE C 200 -9.98 -8.59 -9.31
CA ILE C 200 -11.36 -8.15 -9.11
C ILE C 200 -12.11 -8.10 -10.43
N THR C 201 -11.52 -7.44 -11.42
CA THR C 201 -12.18 -7.26 -12.71
C THR C 201 -12.48 -8.59 -13.41
N SER C 202 -11.56 -9.55 -13.29
CA SER C 202 -11.76 -10.90 -13.82
C SER C 202 -12.71 -11.78 -12.99
N GLY C 203 -12.96 -11.40 -11.74
CA GLY C 203 -13.86 -12.17 -10.90
C GLY C 203 -13.20 -13.35 -10.19
N LYS C 204 -11.87 -13.34 -10.11
CA LYS C 204 -11.15 -14.41 -9.41
C LYS C 204 -11.20 -14.23 -7.90
N VAL C 205 -11.45 -12.99 -7.46
CA VAL C 205 -11.73 -12.70 -6.05
C VAL C 205 -13.04 -11.89 -5.98
N LYS C 206 -13.71 -11.97 -4.84
CA LYS C 206 -14.84 -11.08 -4.57
C LYS C 206 -14.34 -9.81 -3.89
N ALA C 207 -14.95 -8.67 -4.23
CA ALA C 207 -14.59 -7.38 -3.64
C ALA C 207 -15.84 -6.76 -3.01
N TYR C 208 -15.65 -6.06 -1.90
CA TYR C 208 -16.78 -5.59 -1.08
C TYR C 208 -16.83 -4.10 -0.84
N ALA C 209 -15.66 -3.48 -0.70
CA ALA C 209 -15.61 -2.04 -0.39
C ALA C 209 -14.23 -1.50 -0.65
N VAL C 210 -14.14 -0.17 -0.72
CA VAL C 210 -12.87 0.55 -0.87
C VAL C 210 -12.68 1.48 0.33
N THR C 211 -11.43 1.86 0.59
CA THR C 211 -11.11 2.63 1.79
C THR C 211 -10.83 4.08 1.47
N SER C 212 -11.20 4.49 0.26
CA SER C 212 -11.06 5.89 -0.17
C SER C 212 -12.22 6.74 0.33
N LEU C 213 -12.08 8.05 0.20
CA LEU C 213 -13.12 9.01 0.61
C LEU C 213 -14.32 8.98 -0.34
N LYS C 214 -14.01 8.90 -1.62
CA LYS C 214 -15.01 8.74 -2.68
C LYS C 214 -14.73 7.42 -3.35
N ARG C 215 -15.67 6.94 -4.15
CA ARG C 215 -15.47 5.67 -4.85
C ARG C 215 -14.25 5.73 -5.77
N VAL C 216 -13.63 4.57 -5.96
CA VAL C 216 -12.49 4.41 -6.88
C VAL C 216 -13.06 4.31 -8.31
N PRO C 217 -12.76 5.27 -9.19
CA PRO C 217 -13.39 5.34 -10.52
C PRO C 217 -13.18 4.10 -11.40
N THR C 218 -12.07 3.39 -11.19
CA THR C 218 -11.78 2.16 -11.96
C THR C 218 -12.54 0.97 -11.40
N LEU C 219 -13.12 1.13 -10.20
CA LEU C 219 -13.92 0.09 -9.55
C LEU C 219 -15.24 0.71 -9.06
N PRO C 220 -16.02 1.24 -9.99
CA PRO C 220 -17.10 2.17 -9.65
C PRO C 220 -18.25 1.55 -8.85
N ASP C 221 -18.38 0.23 -8.87
CA ASP C 221 -19.49 -0.45 -8.19
C ASP C 221 -19.20 -0.78 -6.72
N LEU C 222 -17.96 -0.56 -6.28
CA LEU C 222 -17.60 -0.84 -4.89
C LEU C 222 -17.86 0.39 -4.01
N PRO C 223 -18.69 0.24 -2.97
CA PRO C 223 -18.93 1.35 -2.05
C PRO C 223 -17.70 1.65 -1.19
N THR C 224 -17.56 2.90 -0.76
CA THR C 224 -16.58 3.21 0.26
C THR C 224 -17.03 2.62 1.59
N ASP C 226 -16.82 4.28 4.30
CA ASP C 226 -17.53 5.47 4.82
C ASP C 226 -19.04 5.43 4.52
N GLU C 227 -19.37 5.26 3.24
CA GLU C 227 -20.77 5.27 2.80
C GLU C 227 -21.51 4.02 3.28
N SER C 228 -20.75 2.98 3.63
CA SER C 228 -21.29 1.71 4.09
C SER C 228 -21.58 1.70 5.60
N GLY C 229 -21.31 2.82 6.26
CA GLY C 229 -21.65 2.99 7.67
C GLY C 229 -20.46 2.95 8.63
N TYR C 230 -19.27 2.79 8.07
CA TYR C 230 -18.06 2.75 8.88
C TYR C 230 -17.37 4.11 8.85
N LYS C 231 -17.82 5.01 9.73
CA LYS C 231 -17.35 6.40 9.69
C LYS C 231 -15.86 6.52 10.00
N GLY C 232 -15.16 7.26 9.15
CA GLY C 232 -13.73 7.45 9.30
C GLY C 232 -12.90 6.25 8.91
N PHE C 233 -13.52 5.24 8.29
CA PHE C 233 -12.77 4.08 7.83
C PHE C 233 -12.12 4.47 6.50
N GLU C 234 -11.02 5.20 6.62
CA GLU C 234 -10.36 5.81 5.47
C GLU C 234 -8.89 5.46 5.52
N VAL C 235 -8.38 4.86 4.45
CA VAL C 235 -6.99 4.44 4.38
C VAL C 235 -6.44 4.71 2.98
N GLY C 236 -5.43 5.57 2.90
CA GLY C 236 -4.75 5.82 1.66
C GLY C 236 -3.28 5.46 1.84
N ILE C 237 -2.81 4.51 1.05
CA ILE C 237 -1.43 4.06 1.22
C ILE C 237 -0.50 4.90 0.37
N TRP C 238 -0.03 5.99 0.97
CA TRP C 238 0.99 6.81 0.31
C TRP C 238 2.30 6.06 0.25
N HIS C 239 3.09 6.34 -0.78
CA HIS C 239 4.40 5.74 -0.96
C HIS C 239 5.43 6.86 -1.00
N GLY C 240 6.58 6.64 -0.36
CA GLY C 240 7.67 7.60 -0.36
C GLY C 240 8.95 6.99 -0.92
N TRP C 242 13.19 7.40 -0.18
CA TRP C 242 14.21 7.93 0.73
C TRP C 242 15.61 7.42 0.35
N ALA C 243 16.63 8.20 0.72
CA ALA C 243 18.02 7.75 0.68
C ALA C 243 18.53 7.66 2.13
N PRO C 244 19.63 6.95 2.38
CA PRO C 244 20.17 6.88 3.75
C PRO C 244 20.63 8.23 4.28
N LYS C 245 20.58 8.41 5.59
CA LYS C 245 21.06 9.63 6.24
C LYS C 245 22.48 9.97 5.76
N GLY C 246 22.70 11.24 5.41
CA GLY C 246 24.02 11.70 5.01
C GLY C 246 24.31 11.63 3.53
N THR C 247 23.36 11.12 2.74
CA THR C 247 23.51 11.16 1.28
C THR C 247 23.66 12.63 0.86
N PRO C 248 24.71 12.94 0.10
CA PRO C 248 25.04 14.34 -0.22
C PRO C 248 23.92 15.06 -0.94
N LYS C 249 23.81 16.36 -0.71
CA LYS C 249 22.78 17.19 -1.32
C LYS C 249 22.68 17.07 -2.87
N PRO C 250 23.80 17.11 -3.60
CA PRO C 250 23.72 17.00 -5.08
C PRO C 250 23.12 15.67 -5.55
N VAL C 251 23.34 14.61 -4.77
CA VAL C 251 22.83 13.29 -5.09
C VAL C 251 21.33 13.24 -4.79
N VAL C 252 20.94 13.74 -3.63
CA VAL C 252 19.53 13.89 -3.26
C VAL C 252 18.79 14.71 -4.32
N ASP C 253 19.37 15.86 -4.71
CA ASP C 253 18.73 16.71 -5.70
C ASP C 253 18.51 16.00 -7.02
N LYS C 254 19.50 15.21 -7.45
CA LYS C 254 19.36 14.44 -8.69
C LYS C 254 18.25 13.40 -8.57
N LEU C 255 18.18 12.76 -7.41
CA LEU C 255 17.11 11.79 -7.16
C LEU C 255 15.73 12.45 -7.18
N VAL C 256 15.63 13.66 -6.60
CA VAL C 256 14.37 14.39 -6.61
C VAL C 256 13.93 14.69 -8.05
N LYS C 257 14.83 15.24 -8.85
CA LYS C 257 14.49 15.56 -10.24
C LYS C 257 14.17 14.31 -11.08
N SER C 258 14.89 13.22 -10.85
CA SER C 258 14.61 11.94 -11.54
C SER C 258 13.29 11.34 -11.11
N LEU C 259 12.96 11.44 -9.82
CA LEU C 259 11.67 10.99 -9.34
C LEU C 259 10.56 11.79 -10.01
N GLN C 260 10.72 13.11 -10.05
CA GLN C 260 9.70 13.98 -10.66
C GLN C 260 9.50 13.63 -12.13
N ALA C 261 10.59 13.40 -12.84
CA ALA C 261 10.52 12.99 -14.25
C ALA C 261 9.83 11.62 -14.40
N GLY C 262 10.19 10.67 -13.54
CA GLY C 262 9.61 9.34 -13.58
C GLY C 262 8.10 9.36 -13.36
N LEU C 263 7.64 10.22 -12.44
CA LEU C 263 6.23 10.31 -12.13
C LEU C 263 5.43 10.94 -13.25
N ALA C 264 6.06 11.83 -14.01
CA ALA C 264 5.42 12.56 -15.10
C ALA C 264 5.38 11.77 -16.41
N ASP C 265 6.09 10.64 -16.45
CA ASP C 265 6.18 9.82 -17.65
C ASP C 265 4.81 9.26 -18.06
N PRO C 266 4.42 9.41 -19.33
CA PRO C 266 3.11 8.94 -19.79
C PRO C 266 2.82 7.46 -19.52
N LYS C 267 3.79 6.57 -19.69
CA LYS C 267 3.57 5.13 -19.45
C LYS C 267 3.35 4.87 -17.96
N PHE C 268 4.16 5.52 -17.11
CA PHE C 268 3.96 5.43 -15.67
C PHE C 268 2.57 5.94 -15.27
N GLN C 269 2.21 7.14 -15.76
CA GLN C 269 0.89 7.71 -15.49
C GLN C 269 -0.24 6.77 -15.87
N GLU C 270 -0.16 6.20 -17.08
CA GLU C 270 -1.22 5.29 -17.54
C GLU C 270 -1.34 4.02 -16.69
N ARG C 271 -0.20 3.43 -16.34
CA ARG C 271 -0.23 2.21 -15.54
C ARG C 271 -0.79 2.52 -14.15
N LYS C 273 -2.84 5.00 -13.36
CA LYS C 273 -4.28 5.25 -13.56
C LYS C 273 -5.07 3.95 -13.59
N GLN C 274 -4.60 2.98 -14.37
CA GLN C 274 -5.28 1.69 -14.51
C GLN C 274 -5.41 0.97 -13.17
N LEU C 275 -4.40 1.13 -12.33
CA LEU C 275 -4.33 0.44 -11.03
C LEU C 275 -4.93 1.24 -9.87
N GLY C 276 -5.51 2.40 -10.19
CA GLY C 276 -6.19 3.21 -9.20
C GLY C 276 -5.30 4.08 -8.31
N ALA C 277 -4.01 4.19 -8.67
CA ALA C 277 -3.06 4.94 -7.86
C ALA C 277 -2.99 6.40 -8.29
N GLU C 278 -3.13 7.30 -7.32
CA GLU C 278 -2.95 8.73 -7.59
C GLU C 278 -1.45 9.03 -7.64
N VAL C 279 -1.00 9.72 -8.69
CA VAL C 279 0.42 10.07 -8.80
C VAL C 279 0.69 11.42 -8.14
N LEU C 280 1.66 11.46 -7.24
CA LEU C 280 1.87 12.62 -6.37
C LEU C 280 2.98 13.56 -6.87
N THR C 281 2.87 13.95 -8.13
CA THR C 281 3.88 14.81 -8.76
C THR C 281 4.12 16.07 -7.95
N ASN C 282 3.06 16.65 -7.39
CA ASN C 282 3.18 17.90 -6.64
C ASN C 282 3.89 17.73 -5.31
N GLU C 283 3.88 16.52 -4.77
CA GLU C 283 4.45 16.22 -3.46
C GLU C 283 5.75 15.43 -3.57
N ALA C 284 6.29 15.35 -4.79
CA ALA C 284 7.53 14.62 -5.05
C ALA C 284 8.78 15.45 -4.69
N ASN C 285 8.85 15.84 -3.42
CA ASN C 285 9.95 16.66 -2.94
C ASN C 285 10.20 16.33 -1.46
N PRO C 286 11.43 16.56 -0.97
CA PRO C 286 11.79 16.16 0.40
C PRO C 286 10.89 16.75 1.49
N GLU C 287 10.50 18.02 1.33
CA GLU C 287 9.71 18.70 2.33
C GLU C 287 8.32 18.07 2.50
N ALA C 288 7.68 17.72 1.38
CA ALA C 288 6.36 17.12 1.41
C ALA C 288 6.39 15.75 2.05
N LEU C 289 7.40 14.95 1.71
CA LEU C 289 7.56 13.64 2.32
C LEU C 289 7.79 13.75 3.84
N GLN C 290 8.70 14.62 4.24
CA GLN C 290 8.97 14.79 5.66
C GLN C 290 7.71 15.22 6.43
N ALA C 291 6.93 16.14 5.84
CA ALA C 291 5.71 16.62 6.48
C ALA C 291 4.68 15.48 6.60
N LYS C 292 4.58 14.64 5.57
CA LYS C 292 3.69 13.48 5.63
C LYS C 292 4.06 12.55 6.79
N VAL C 293 5.35 12.22 6.90
CA VAL C 293 5.82 11.32 7.97
C VAL C 293 5.55 11.92 9.36
N LYS C 294 5.81 13.22 9.49
CA LYS C 294 5.61 13.91 10.76
C LYS C 294 4.14 13.92 11.20
N GLN C 295 3.23 14.01 10.24
CA GLN C 295 1.80 13.99 10.57
C GLN C 295 1.33 12.56 10.87
N GLN C 296 1.83 11.61 10.07
CA GLN C 296 1.31 10.23 10.08
C GLN C 296 1.73 9.39 11.28
N VAL C 297 2.98 9.52 11.72
CA VAL C 297 3.47 8.71 12.85
C VAL C 297 2.58 8.87 14.09
N PRO C 298 2.32 10.10 14.55
CA PRO C 298 1.40 10.31 15.66
C PRO C 298 -0.05 9.86 15.40
N GLN C 299 -0.55 10.00 14.18
CA GLN C 299 -1.92 9.58 13.87
C GLN C 299 -2.12 8.09 14.10
N TRP C 300 -1.26 7.27 13.50
CA TRP C 300 -1.38 5.82 13.65
C TRP C 300 -1.02 5.35 15.06
N ALA C 301 -0.15 6.11 15.73
CA ALA C 301 0.19 5.81 17.13
C ALA C 301 -1.08 5.82 17.99
N GLU C 302 -1.93 6.81 17.75
CA GLU C 302 -3.20 6.91 18.47
C GLU C 302 -4.20 5.80 18.10
N LEU C 303 -4.28 5.47 16.82
CA LEU C 303 -5.14 4.36 16.36
C LEU C 303 -4.76 3.06 17.08
N PHE C 304 -3.47 2.75 17.09
CA PHE C 304 -3.00 1.50 17.69
C PHE C 304 -3.10 1.50 19.21
N LYS C 305 -3.00 2.68 19.83
CA LYS C 305 -3.29 2.84 21.25
C LYS C 305 -4.77 2.55 21.56
N LYS C 306 -5.66 3.14 20.76
CA LYS C 306 -7.12 2.96 20.93
C LYS C 306 -7.59 1.56 20.55
N ALA C 307 -6.88 0.93 19.62
CA ALA C 307 -7.18 -0.44 19.20
C ALA C 307 -6.64 -1.46 20.20
N GLY C 308 -5.88 -0.97 21.17
CA GLY C 308 -5.28 -1.81 22.21
C GLY C 308 -4.04 -2.56 21.76
N VAL C 309 -3.45 -2.15 20.64
CA VAL C 309 -2.28 -2.85 20.10
C VAL C 309 -1.00 -2.30 20.74
N GLU C 310 -0.26 -3.18 21.40
CA GLU C 310 0.99 -2.78 22.05
C GLU C 310 2.21 -3.13 21.18
N LYS C 311 3.33 -2.47 21.43
CA LYS C 311 4.58 -2.70 20.69
C LYS C 311 5.14 -4.09 20.95
N GLN C 312 5.80 -4.67 19.94
CA GLN C 312 6.37 -6.01 20.01
C GLN C 312 7.88 -6.05 19.75
#